data_8XO4
#
_entry.id   8XO4
#
_cell.length_a   55.843
_cell.length_b   35.580
_cell.length_c   237.649
_cell.angle_alpha   90.000
_cell.angle_beta   93.982
_cell.angle_gamma   90.000
#
_symmetry.space_group_name_H-M   'P 1 21 1'
#
loop_
_entity.id
_entity.type
_entity.pdbx_description
1 polymer 'Fusion glycoprotein F1'
2 polymer 'Measles virus fusion inhibitor M1EK'
3 water water
#
loop_
_entity_poly.entity_id
_entity_poly.type
_entity_poly.pdbx_seq_one_letter_code
_entity_poly.pdbx_strand_id
1 'polypeptide(L)' (ACE)NSQAIDNLRASLETTNQAIEAIRQAGQEMILAVQGVQDYINN(NH2) A,C,E,G,I,K,M,O,Q,S,U,W
2 'polypeptide(L)' (ACE)IEEERKKVEENLKKAEEKLKKAEELLKKSEEILKK(NH2) B,D,F,H,J,L,N,P,R,T,V,X
#
# COMPACT_ATOMS: atom_id res chain seq x y z
N ASN A 2 30.46 -43.10 -20.22
CA ASN A 2 30.69 -41.85 -19.46
C ASN A 2 31.05 -40.70 -20.42
N SER A 3 31.83 -41.01 -21.47
CA SER A 3 32.36 -40.03 -22.46
C SER A 3 31.18 -39.41 -23.26
N GLN A 4 30.22 -40.24 -23.67
CA GLN A 4 29.04 -39.82 -24.48
C GLN A 4 27.99 -39.12 -23.58
N ALA A 5 27.87 -39.50 -22.31
CA ALA A 5 26.98 -38.86 -21.32
C ALA A 5 27.46 -37.43 -21.06
N ILE A 6 28.78 -37.25 -21.12
CA ILE A 6 29.47 -35.94 -20.94
C ILE A 6 29.17 -35.02 -22.13
N ASP A 7 29.40 -35.49 -23.36
CA ASP A 7 29.30 -34.62 -24.56
C ASP A 7 27.84 -34.17 -24.69
N ASN A 8 26.91 -35.06 -24.32
CA ASN A 8 25.47 -34.73 -24.27
CA ASN A 8 25.46 -34.82 -24.19
C ASN A 8 25.22 -33.65 -23.20
N LEU A 9 25.82 -33.72 -22.02
CA LEU A 9 25.70 -32.65 -20.99
C LEU A 9 26.29 -31.33 -21.54
N ARG A 10 27.43 -31.39 -22.22
CA ARG A 10 28.08 -30.20 -22.83
C ARG A 10 27.06 -29.53 -23.76
N ALA A 11 26.43 -30.31 -24.64
CA ALA A 11 25.56 -29.79 -25.70
C ALA A 11 24.25 -29.27 -25.09
N SER A 12 23.78 -29.93 -24.02
CA SER A 12 22.57 -29.48 -23.31
C SER A 12 22.88 -28.13 -22.63
N LEU A 13 23.97 -28.04 -21.90
CA LEU A 13 24.35 -26.73 -21.29
C LEU A 13 24.68 -25.67 -22.36
N GLU A 14 25.23 -26.02 -23.52
CA GLU A 14 25.54 -24.96 -24.53
C GLU A 14 24.21 -24.31 -24.92
N THR A 15 23.18 -25.14 -25.14
CA THR A 15 21.80 -24.75 -25.55
C THR A 15 21.13 -23.94 -24.42
N THR A 16 21.20 -24.43 -23.18
CA THR A 16 20.69 -23.77 -21.94
C THR A 16 21.30 -22.37 -21.82
N ASN A 17 22.57 -22.22 -22.17
CA ASN A 17 23.26 -20.91 -22.08
C ASN A 17 22.66 -19.99 -23.16
N GLN A 18 22.28 -20.53 -24.33
CA GLN A 18 21.65 -19.71 -25.39
C GLN A 18 20.24 -19.28 -24.93
N ALA A 19 19.46 -20.18 -24.32
CA ALA A 19 18.11 -19.85 -23.78
C ALA A 19 18.22 -18.65 -22.83
N ILE A 20 19.20 -18.71 -21.93
CA ILE A 20 19.36 -17.65 -20.89
C ILE A 20 19.71 -16.33 -21.59
N GLU A 21 20.58 -16.38 -22.60
CA GLU A 21 21.01 -15.19 -23.39
C GLU A 21 19.75 -14.54 -23.92
N ALA A 22 18.83 -15.33 -24.48
CA ALA A 22 17.57 -14.82 -25.05
C ALA A 22 16.69 -14.18 -23.96
N ILE A 23 16.50 -14.88 -22.83
CA ILE A 23 15.73 -14.35 -21.65
C ILE A 23 16.38 -13.03 -21.22
N ARG A 24 17.71 -12.99 -21.18
CA ARG A 24 18.47 -11.75 -20.86
C ARG A 24 18.09 -10.62 -21.83
N GLN A 25 18.07 -10.90 -23.13
CA GLN A 25 17.77 -9.86 -24.16
C GLN A 25 16.31 -9.41 -24.02
N ALA A 26 15.42 -10.32 -23.70
CA ALA A 26 13.99 -10.05 -23.44
C ALA A 26 13.85 -9.02 -22.32
N GLY A 27 14.54 -9.24 -21.20
CA GLY A 27 14.47 -8.34 -20.02
C GLY A 27 15.01 -6.94 -20.34
N GLN A 28 16.01 -6.86 -21.21
CA GLN A 28 16.54 -5.58 -21.75
C GLN A 28 15.42 -4.93 -22.55
N GLU A 29 14.68 -5.67 -23.38
CA GLU A 29 13.53 -5.11 -24.14
C GLU A 29 12.42 -4.64 -23.18
N MET A 30 12.07 -5.42 -22.15
CA MET A 30 10.96 -5.09 -21.20
C MET A 30 11.35 -3.80 -20.45
N ILE A 31 12.61 -3.58 -20.11
CA ILE A 31 13.05 -2.31 -19.46
C ILE A 31 12.79 -1.10 -20.39
N LEU A 32 13.33 -1.11 -21.60
CA LEU A 32 13.01 -0.08 -22.63
C LEU A 32 11.50 0.15 -22.72
N ALA A 33 10.65 -0.86 -22.63
CA ALA A 33 9.18 -0.70 -22.77
C ALA A 33 8.66 0.17 -21.65
N VAL A 34 8.92 -0.24 -20.40
CA VAL A 34 8.41 0.42 -19.17
C VAL A 34 8.98 1.83 -19.11
N GLN A 35 10.25 2.01 -19.48
CA GLN A 35 10.89 3.33 -19.56
C GLN A 35 10.13 4.20 -20.55
N GLY A 36 9.80 3.67 -21.72
CA GLY A 36 8.96 4.39 -22.69
C GLY A 36 7.65 4.87 -22.08
N VAL A 37 7.00 4.01 -21.31
CA VAL A 37 5.70 4.37 -20.66
C VAL A 37 5.99 5.53 -19.70
N GLN A 38 7.04 5.41 -18.88
CA GLN A 38 7.38 6.40 -17.83
C GLN A 38 7.63 7.80 -18.44
N ASP A 39 8.46 7.88 -19.49
CA ASP A 39 8.80 9.12 -20.24
C ASP A 39 7.54 9.84 -20.75
N TYR A 40 6.47 9.12 -21.05
CA TYR A 40 5.20 9.67 -21.58
C TYR A 40 4.41 10.32 -20.44
N ILE A 41 4.44 9.68 -19.26
CA ILE A 41 3.81 10.16 -18.00
C ILE A 41 4.52 11.45 -17.55
N ASN A 42 5.85 11.45 -17.56
CA ASN A 42 6.65 12.64 -17.15
C ASN A 42 6.37 13.82 -18.10
N ASN A 43 6.36 13.57 -19.42
CA ASN A 43 6.45 14.61 -20.50
C ASN A 43 5.12 15.33 -20.72
N ILE B 2 2.59 10.52 -27.95
CA ILE B 2 1.89 9.20 -27.80
C ILE B 2 1.90 8.41 -29.11
N GLU B 3 2.60 8.89 -30.15
CA GLU B 3 2.91 8.12 -31.40
C GLU B 3 4.33 7.56 -31.27
N GLU B 4 5.27 8.34 -30.71
CA GLU B 4 6.62 7.87 -30.35
C GLU B 4 6.51 6.87 -29.19
N GLU B 5 5.53 7.04 -28.29
CA GLU B 5 5.42 6.20 -27.08
C GLU B 5 4.91 4.82 -27.47
N ARG B 6 3.77 4.73 -28.17
CA ARG B 6 3.19 3.42 -28.61
C ARG B 6 4.18 2.69 -29.52
N LYS B 7 4.89 3.40 -30.41
CA LYS B 7 5.83 2.79 -31.39
C LYS B 7 6.95 2.07 -30.63
N LYS B 8 7.39 2.68 -29.53
CA LYS B 8 8.61 2.30 -28.78
C LYS B 8 8.27 1.20 -27.76
N VAL B 9 7.09 1.26 -27.17
CA VAL B 9 6.60 0.26 -26.19
C VAL B 9 6.16 -0.98 -26.95
N GLU B 10 5.34 -0.83 -28.00
CA GLU B 10 4.75 -1.98 -28.75
C GLU B 10 5.90 -2.79 -29.35
N GLU B 11 6.85 -2.11 -30.01
CA GLU B 11 8.02 -2.75 -30.66
C GLU B 11 8.90 -3.46 -29.62
N ASN B 12 9.00 -2.94 -28.39
CA ASN B 12 9.92 -3.53 -27.38
C ASN B 12 9.24 -4.78 -26.80
N LEU B 13 7.92 -4.75 -26.66
CA LEU B 13 7.13 -5.88 -26.15
C LEU B 13 7.07 -6.95 -27.23
N LYS B 14 7.06 -6.56 -28.52
CA LYS B 14 7.05 -7.52 -29.64
C LYS B 14 8.38 -8.25 -29.64
N LYS B 15 9.48 -7.50 -29.46
CA LYS B 15 10.85 -8.09 -29.41
C LYS B 15 11.00 -8.97 -28.16
N ALA B 16 10.53 -8.53 -26.97
CA ALA B 16 10.61 -9.31 -25.70
C ALA B 16 9.92 -10.64 -25.92
N GLU B 17 8.69 -10.59 -26.45
CA GLU B 17 7.89 -11.83 -26.67
C GLU B 17 8.62 -12.77 -27.61
N GLU B 18 9.33 -12.25 -28.64
CA GLU B 18 10.05 -13.07 -29.65
C GLU B 18 11.20 -13.78 -28.94
N LYS B 19 11.95 -13.04 -28.13
CA LYS B 19 13.06 -13.61 -27.35
C LYS B 19 12.52 -14.67 -26.36
N LEU B 20 11.38 -14.45 -25.69
CA LEU B 20 10.90 -15.48 -24.72
C LEU B 20 10.50 -16.73 -25.49
N LYS B 21 9.90 -16.62 -26.68
CA LYS B 21 9.54 -17.79 -27.53
C LYS B 21 10.83 -18.50 -27.98
N LYS B 22 11.84 -17.74 -28.38
CA LYS B 22 13.15 -18.33 -28.79
C LYS B 22 13.70 -19.18 -27.65
N ALA B 23 13.60 -18.69 -26.41
CA ALA B 23 14.15 -19.29 -25.18
C ALA B 23 13.41 -20.59 -24.88
N GLU B 24 12.07 -20.56 -24.97
CA GLU B 24 11.22 -21.78 -24.87
CA GLU B 24 11.16 -21.74 -24.92
C GLU B 24 11.71 -22.82 -25.88
N GLU B 25 11.92 -22.46 -27.16
CA GLU B 25 12.43 -23.37 -28.24
C GLU B 25 13.72 -24.03 -27.76
N LEU B 26 14.65 -23.26 -27.18
CA LEU B 26 16.02 -23.70 -26.77
C LEU B 26 15.96 -24.52 -25.47
N LEU B 27 15.04 -24.23 -24.55
CA LEU B 27 14.84 -25.11 -23.34
C LEU B 27 14.32 -26.49 -23.75
N LYS B 28 13.29 -26.56 -24.60
CA LYS B 28 12.71 -27.85 -25.11
C LYS B 28 13.82 -28.62 -25.81
N LYS B 29 14.60 -27.94 -26.65
CA LYS B 29 15.82 -28.53 -27.29
C LYS B 29 16.79 -29.05 -26.21
N SER B 30 17.08 -28.26 -25.16
CA SER B 30 18.06 -28.66 -24.12
C SER B 30 17.51 -29.86 -23.31
N GLU B 31 16.22 -29.85 -22.95
CA GLU B 31 15.57 -30.93 -22.18
C GLU B 31 15.63 -32.22 -23.00
N GLU B 32 15.45 -32.14 -24.32
CA GLU B 32 15.37 -33.27 -25.29
C GLU B 32 16.76 -33.89 -25.47
N ILE B 33 17.75 -33.03 -25.70
CA ILE B 33 19.17 -33.47 -25.74
C ILE B 33 19.46 -34.20 -24.44
N LEU B 34 18.95 -33.71 -23.30
CA LEU B 34 19.23 -34.33 -21.96
C LEU B 34 18.62 -35.73 -21.91
N LYS B 35 17.32 -35.91 -22.22
CA LYS B 35 16.63 -37.22 -22.24
C LYS B 35 17.52 -38.26 -22.96
N LYS B 36 17.99 -37.92 -24.17
CA LYS B 36 18.86 -38.76 -25.05
C LYS B 36 20.19 -39.04 -24.35
N ASN C 2 37.56 -37.67 -19.45
CA ASN C 2 36.21 -37.72 -18.82
C ASN C 2 36.16 -36.83 -17.57
N SER C 3 37.13 -37.01 -16.66
CA SER C 3 37.26 -36.34 -15.34
C SER C 3 37.48 -34.82 -15.46
N GLN C 4 38.39 -34.38 -16.34
CA GLN C 4 38.56 -32.92 -16.59
C GLN C 4 37.18 -32.34 -16.96
N ALA C 5 36.50 -32.92 -17.95
CA ALA C 5 35.29 -32.38 -18.59
C ALA C 5 34.19 -32.29 -17.53
N ILE C 6 34.08 -33.31 -16.69
CA ILE C 6 33.16 -33.30 -15.51
C ILE C 6 33.49 -32.09 -14.64
N ASP C 7 34.75 -31.82 -14.32
CA ASP C 7 35.10 -30.66 -13.46
C ASP C 7 34.79 -29.35 -14.19
N ASN C 8 34.96 -29.35 -15.51
CA ASN C 8 34.64 -28.22 -16.44
C ASN C 8 33.13 -27.95 -16.34
N LEU C 9 32.30 -28.97 -16.59
CA LEU C 9 30.82 -28.89 -16.63
C LEU C 9 30.28 -28.29 -15.33
N ARG C 10 30.75 -28.76 -14.18
CA ARG C 10 30.34 -28.32 -12.82
C ARG C 10 30.68 -26.84 -12.62
N ALA C 11 31.85 -26.41 -13.10
CA ALA C 11 32.31 -25.00 -13.03
C ALA C 11 31.39 -24.09 -13.88
N SER C 12 31.22 -24.44 -15.15
CA SER C 12 30.27 -23.82 -16.11
C SER C 12 28.89 -23.65 -15.44
N LEU C 13 28.26 -24.77 -15.09
CA LEU C 13 26.87 -24.87 -14.55
C LEU C 13 26.71 -24.00 -13.30
N GLU C 14 27.67 -23.98 -12.38
CA GLU C 14 27.56 -23.15 -11.13
C GLU C 14 27.65 -21.64 -11.45
N THR C 15 28.31 -21.27 -12.58
CA THR C 15 28.36 -19.89 -13.16
C THR C 15 27.00 -19.55 -13.81
N THR C 16 26.52 -20.41 -14.71
CA THR C 16 25.16 -20.39 -15.31
C THR C 16 24.13 -20.13 -14.20
N ASN C 17 24.20 -20.87 -13.09
CA ASN C 17 23.23 -20.69 -11.97
C ASN C 17 23.35 -19.27 -11.42
N GLN C 18 24.57 -18.72 -11.36
CA GLN C 18 24.83 -17.34 -10.88
C GLN C 18 24.20 -16.32 -11.85
N ALA C 19 24.28 -16.56 -13.17
CA ALA C 19 23.64 -15.72 -14.21
C ALA C 19 22.11 -15.68 -14.02
N ILE C 20 21.49 -16.86 -13.85
CA ILE C 20 20.02 -17.05 -13.72
C ILE C 20 19.56 -16.31 -12.48
N GLU C 21 20.32 -16.46 -11.40
CA GLU C 21 20.06 -15.76 -10.11
C GLU C 21 20.01 -14.24 -10.33
N ALA C 22 20.88 -13.67 -11.20
CA ALA C 22 20.88 -12.22 -11.54
C ALA C 22 19.62 -11.85 -12.35
N ILE C 23 19.29 -12.62 -13.40
CA ILE C 23 18.09 -12.41 -14.25
C ILE C 23 16.84 -12.47 -13.37
N ARG C 24 16.84 -13.36 -12.37
CA ARG C 24 15.73 -13.54 -11.40
C ARG C 24 15.57 -12.32 -10.50
N GLN C 25 16.65 -11.71 -10.04
CA GLN C 25 16.57 -10.45 -9.24
C GLN C 25 16.12 -9.29 -10.14
N ALA C 26 16.58 -9.25 -11.39
CA ALA C 26 16.18 -8.23 -12.39
C ALA C 26 14.69 -8.32 -12.60
N GLY C 27 14.15 -9.54 -12.74
CA GLY C 27 12.70 -9.82 -12.79
C GLY C 27 11.94 -9.18 -11.63
N GLN C 28 12.39 -9.41 -10.39
CA GLN C 28 11.68 -8.86 -9.20
CA GLN C 28 11.75 -8.85 -9.17
C GLN C 28 11.66 -7.33 -9.29
N GLU C 29 12.74 -6.71 -9.73
CA GLU C 29 12.84 -5.22 -9.85
C GLU C 29 11.84 -4.71 -10.91
N MET C 30 11.81 -5.31 -12.11
CA MET C 30 10.87 -5.00 -13.24
C MET C 30 9.41 -5.05 -12.72
N ILE C 31 9.08 -6.01 -11.87
CA ILE C 31 7.72 -6.16 -11.26
C ILE C 31 7.42 -4.92 -10.41
N LEU C 32 8.35 -4.52 -9.54
CA LEU C 32 8.19 -3.30 -8.69
C LEU C 32 8.02 -2.07 -9.59
N ALA C 33 8.68 -1.99 -10.73
CA ALA C 33 8.57 -0.84 -11.67
C ALA C 33 7.17 -0.80 -12.31
N VAL C 34 6.71 -1.92 -12.84
CA VAL C 34 5.36 -2.01 -13.46
C VAL C 34 4.33 -1.69 -12.36
N GLN C 35 4.61 -2.05 -11.12
CA GLN C 35 3.65 -1.82 -10.00
C GLN C 35 3.65 -0.32 -9.70
N GLY C 36 4.83 0.29 -9.75
CA GLY C 36 5.00 1.75 -9.73
C GLY C 36 4.02 2.42 -10.67
N VAL C 37 3.87 1.90 -11.89
CA VAL C 37 3.03 2.53 -12.95
C VAL C 37 1.56 2.30 -12.60
N GLN C 38 1.19 1.08 -12.18
CA GLN C 38 -0.19 0.75 -11.79
C GLN C 38 -0.60 1.53 -10.53
N ASP C 39 0.37 1.99 -9.72
CA ASP C 39 0.05 2.71 -8.46
C ASP C 39 -0.35 4.16 -8.79
N TYR C 40 0.36 4.83 -9.70
CA TYR C 40 0.00 6.19 -10.19
C TYR C 40 -1.33 6.19 -10.96
N ILE C 41 -1.62 5.13 -11.72
CA ILE C 41 -2.94 4.99 -12.41
C ILE C 41 -4.00 4.83 -11.33
N ASN C 42 -3.79 3.91 -10.39
CA ASN C 42 -4.81 3.54 -9.36
C ASN C 42 -5.12 4.78 -8.50
N ASN C 43 -4.18 5.70 -8.29
CA ASN C 43 -4.27 6.78 -7.26
C ASN C 43 -4.49 8.17 -7.89
N ILE D 2 3.07 11.63 -7.75
CA ILE D 2 3.74 11.49 -9.09
C ILE D 2 5.26 11.47 -8.89
N GLU D 3 5.75 12.15 -7.86
CA GLU D 3 7.20 12.26 -7.49
C GLU D 3 7.71 10.90 -6.97
N GLU D 4 6.96 10.27 -6.05
CA GLU D 4 7.22 8.91 -5.49
C GLU D 4 7.17 7.85 -6.61
N GLU D 5 6.04 7.75 -7.34
CA GLU D 5 5.79 6.79 -8.44
C GLU D 5 6.93 6.83 -9.44
N ARG D 6 7.26 8.02 -9.93
CA ARG D 6 8.35 8.25 -10.90
C ARG D 6 9.65 7.61 -10.40
N LYS D 7 10.03 7.83 -9.15
CA LYS D 7 11.40 7.46 -8.72
C LYS D 7 11.43 5.95 -8.43
N LYS D 8 10.36 5.43 -7.82
CA LYS D 8 10.17 3.97 -7.59
C LYS D 8 10.32 3.22 -8.93
N VAL D 9 9.87 3.81 -10.03
CA VAL D 9 9.88 3.15 -11.37
C VAL D 9 11.28 3.29 -12.00
N GLU D 10 11.88 4.49 -11.99
CA GLU D 10 13.25 4.74 -12.57
C GLU D 10 14.36 4.10 -11.69
N GLU D 11 14.25 4.11 -10.36
CA GLU D 11 15.18 3.38 -9.45
C GLU D 11 15.14 1.88 -9.76
N ASN D 12 13.96 1.28 -9.91
CA ASN D 12 13.82 -0.18 -10.11
C ASN D 12 14.30 -0.60 -11.51
N LEU D 13 14.10 0.23 -12.52
CA LEU D 13 14.58 -0.07 -13.90
C LEU D 13 16.11 0.01 -13.95
N LYS D 14 16.69 0.88 -13.11
CA LYS D 14 18.16 1.06 -12.96
C LYS D 14 18.82 -0.20 -12.37
N LYS D 15 18.28 -0.76 -11.29
CA LYS D 15 18.88 -1.96 -10.60
C LYS D 15 18.61 -3.22 -11.41
N ALA D 16 17.47 -3.25 -12.11
CA ALA D 16 17.11 -4.30 -13.10
C ALA D 16 18.18 -4.32 -14.17
N GLU D 17 18.43 -3.16 -14.75
CA GLU D 17 19.39 -3.03 -15.88
C GLU D 17 20.76 -3.55 -15.40
N GLU D 18 21.13 -3.33 -14.13
CA GLU D 18 22.51 -3.60 -13.61
C GLU D 18 22.61 -5.08 -13.31
N LYS D 19 21.54 -5.67 -12.78
CA LYS D 19 21.34 -7.14 -12.70
C LYS D 19 21.45 -7.80 -14.08
N LEU D 20 20.77 -7.27 -15.10
CA LEU D 20 20.84 -7.90 -16.46
C LEU D 20 22.27 -7.84 -17.00
N LYS D 21 23.03 -6.76 -16.81
CA LYS D 21 24.42 -6.67 -17.36
C LYS D 21 25.33 -7.64 -16.60
N LYS D 22 25.14 -7.75 -15.28
CA LYS D 22 25.83 -8.70 -14.39
C LYS D 22 25.62 -10.13 -14.89
N ALA D 23 24.41 -10.46 -15.35
CA ALA D 23 24.06 -11.83 -15.76
C ALA D 23 24.75 -12.12 -17.09
N GLU D 24 24.84 -11.11 -17.95
CA GLU D 24 25.57 -11.21 -19.24
C GLU D 24 27.06 -11.49 -18.94
N GLU D 25 27.65 -10.79 -17.99
CA GLU D 25 29.06 -11.02 -17.58
C GLU D 25 29.19 -12.49 -17.18
N LEU D 26 28.31 -12.94 -16.28
CA LEU D 26 28.34 -14.32 -15.71
C LEU D 26 28.09 -15.35 -16.82
N LEU D 27 27.19 -15.05 -17.73
CA LEU D 27 26.84 -16.00 -18.83
C LEU D 27 28.01 -16.11 -19.82
N LYS D 28 28.67 -14.99 -20.15
CA LYS D 28 29.83 -14.98 -21.09
C LYS D 28 30.93 -15.86 -20.46
N LYS D 29 31.20 -15.61 -19.17
CA LYS D 29 32.15 -16.35 -18.31
C LYS D 29 31.92 -17.86 -18.50
N SER D 30 30.67 -18.33 -18.25
CA SER D 30 30.26 -19.75 -18.35
C SER D 30 30.49 -20.31 -19.75
N GLU D 31 30.19 -19.57 -20.81
CA GLU D 31 30.37 -20.05 -22.21
C GLU D 31 31.85 -20.36 -22.42
N GLU D 32 32.73 -19.47 -21.90
CA GLU D 32 34.20 -19.55 -22.01
C GLU D 32 34.71 -20.73 -21.19
N ILE D 33 34.22 -20.92 -19.96
CA ILE D 33 34.65 -22.07 -19.11
C ILE D 33 34.26 -23.34 -19.85
N LEU D 34 33.03 -23.45 -20.36
CA LEU D 34 32.54 -24.66 -21.08
C LEU D 34 33.46 -24.97 -22.27
N LYS D 35 33.80 -23.96 -23.08
CA LYS D 35 34.62 -24.09 -24.35
C LYS D 35 35.93 -24.90 -24.16
N LYS D 36 36.61 -24.77 -23.02
CA LYS D 36 37.89 -25.46 -22.67
C LYS D 36 37.73 -26.99 -22.57
N ASN E 2 32.67 -41.39 -11.37
CA ASN E 2 32.31 -40.45 -12.47
C ASN E 2 30.88 -40.73 -12.91
N SER E 3 30.56 -41.99 -13.25
CA SER E 3 29.21 -42.53 -13.56
C SER E 3 28.15 -41.71 -12.82
N GLN E 4 28.38 -41.48 -11.52
CA GLN E 4 27.40 -40.92 -10.56
C GLN E 4 27.61 -39.39 -10.41
N ALA E 5 28.83 -38.87 -10.60
CA ALA E 5 29.08 -37.40 -10.61
C ALA E 5 28.31 -36.81 -11.80
N ILE E 6 28.32 -37.54 -12.92
CA ILE E 6 27.52 -37.23 -14.14
C ILE E 6 26.04 -37.13 -13.74
N ASP E 7 25.42 -38.22 -13.25
CA ASP E 7 23.99 -38.23 -12.85
C ASP E 7 23.71 -37.02 -11.93
N ASN E 8 24.66 -36.61 -11.07
CA ASN E 8 24.54 -35.41 -10.19
C ASN E 8 24.51 -34.12 -11.03
N LEU E 9 25.32 -34.03 -12.09
CA LEU E 9 25.30 -32.89 -13.03
C LEU E 9 24.01 -32.92 -13.87
N ARG E 10 23.64 -34.10 -14.41
CA ARG E 10 22.32 -34.30 -15.05
C ARG E 10 21.22 -33.79 -14.09
N ALA E 11 21.09 -34.35 -12.90
CA ALA E 11 19.99 -33.93 -11.99
C ALA E 11 20.02 -32.40 -11.87
N SER E 12 21.22 -31.81 -11.76
CA SER E 12 21.38 -30.35 -11.49
C SER E 12 20.91 -29.54 -12.69
N LEU E 13 21.34 -29.91 -13.89
CA LEU E 13 20.98 -29.22 -15.14
C LEU E 13 19.45 -29.28 -15.37
N GLU E 14 18.79 -30.43 -15.16
CA GLU E 14 17.30 -30.57 -15.30
C GLU E 14 16.59 -29.52 -14.42
N THR E 15 16.97 -29.41 -13.15
CA THR E 15 16.47 -28.44 -12.14
C THR E 15 16.78 -26.99 -12.56
N THR E 16 18.01 -26.71 -12.99
CA THR E 16 18.39 -25.39 -13.58
C THR E 16 17.44 -25.11 -14.74
N ASN E 17 17.27 -26.08 -15.64
CA ASN E 17 16.33 -25.96 -16.79
C ASN E 17 14.92 -25.68 -16.26
N GLN E 18 14.56 -26.19 -15.06
CA GLN E 18 13.19 -25.93 -14.52
C GLN E 18 13.08 -24.49 -14.00
N ALA E 19 14.10 -24.00 -13.31
CA ALA E 19 14.27 -22.58 -12.85
C ALA E 19 14.17 -21.60 -14.04
N ILE E 20 14.89 -21.86 -15.13
CA ILE E 20 14.86 -20.94 -16.31
C ILE E 20 13.41 -20.88 -16.85
N GLU E 21 12.79 -22.04 -17.07
CA GLU E 21 11.42 -22.13 -17.63
C GLU E 21 10.49 -21.30 -16.75
N ALA E 22 10.62 -21.39 -15.42
CA ALA E 22 9.81 -20.57 -14.49
C ALA E 22 10.05 -19.07 -14.77
N ILE E 23 11.31 -18.59 -14.76
CA ILE E 23 11.58 -17.14 -15.01
C ILE E 23 11.03 -16.74 -16.37
N ARG E 24 11.03 -17.65 -17.34
CA ARG E 24 10.52 -17.38 -18.70
C ARG E 24 9.02 -17.15 -18.60
N GLN E 25 8.32 -17.95 -17.79
CA GLN E 25 6.86 -17.76 -17.59
C GLN E 25 6.62 -16.43 -16.87
N ALA E 26 7.49 -16.05 -15.94
CA ALA E 26 7.39 -14.72 -15.29
C ALA E 26 7.55 -13.61 -16.34
N GLY E 27 8.54 -13.74 -17.24
CA GLY E 27 8.72 -12.79 -18.36
C GLY E 27 7.44 -12.55 -19.14
N GLN E 28 6.79 -13.63 -19.59
CA GLN E 28 5.58 -13.64 -20.44
C GLN E 28 4.50 -12.86 -19.71
N GLU E 29 4.37 -13.13 -18.42
CA GLU E 29 3.40 -12.49 -17.52
C GLU E 29 3.72 -11.00 -17.36
N MET E 30 5.01 -10.65 -17.20
CA MET E 30 5.44 -9.24 -17.15
C MET E 30 5.04 -8.55 -18.45
N ILE E 31 5.32 -9.16 -19.60
CA ILE E 31 4.88 -8.60 -20.92
C ILE E 31 3.36 -8.38 -20.88
N LEU E 32 2.57 -9.35 -20.39
CA LEU E 32 1.10 -9.17 -20.36
C LEU E 32 0.73 -7.96 -19.52
N ALA E 33 1.46 -7.70 -18.44
CA ALA E 33 1.19 -6.60 -17.50
C ALA E 33 1.51 -5.26 -18.18
N VAL E 34 2.67 -5.13 -18.80
CA VAL E 34 2.99 -3.89 -19.55
C VAL E 34 1.96 -3.71 -20.67
N GLN E 35 1.62 -4.78 -21.41
CA GLN E 35 0.62 -4.65 -22.51
C GLN E 35 -0.71 -4.17 -21.95
N GLY E 36 -1.08 -4.56 -20.72
CA GLY E 36 -2.31 -4.09 -20.05
C GLY E 36 -2.26 -2.60 -19.79
N VAL E 37 -1.10 -2.11 -19.39
CA VAL E 37 -0.93 -0.65 -19.21
C VAL E 37 -1.09 0.01 -20.58
N GLN E 38 -0.40 -0.48 -21.61
CA GLN E 38 -0.48 0.12 -22.97
C GLN E 38 -1.93 0.11 -23.49
N ASP E 39 -2.61 -1.04 -23.50
CA ASP E 39 -4.01 -1.17 -23.96
C ASP E 39 -4.85 -0.03 -23.38
N TYR E 40 -4.70 0.28 -22.09
CA TYR E 40 -5.48 1.32 -21.36
C TYR E 40 -5.14 2.72 -21.91
N ILE E 41 -3.86 3.09 -21.92
CA ILE E 41 -3.35 4.34 -22.56
C ILE E 41 -3.96 4.49 -23.97
N ASN E 42 -3.98 3.44 -24.80
CA ASN E 42 -4.37 3.47 -26.24
C ASN E 42 -5.87 3.73 -26.37
N ASN E 43 -6.62 3.27 -25.37
CA ASN E 43 -8.10 3.31 -25.36
C ASN E 43 -8.61 4.53 -24.58
N ILE F 2 -10.78 0.74 -17.39
CA ILE F 2 -9.87 0.96 -16.22
C ILE F 2 -9.90 -0.30 -15.34
N GLU F 3 -11.07 -0.80 -14.98
CA GLU F 3 -11.18 -1.87 -13.94
C GLU F 3 -10.46 -3.12 -14.47
N GLU F 4 -10.66 -3.39 -15.76
CA GLU F 4 -10.10 -4.55 -16.51
C GLU F 4 -8.57 -4.37 -16.62
N GLU F 5 -8.10 -3.19 -17.02
CA GLU F 5 -6.68 -2.76 -17.00
C GLU F 5 -6.10 -3.09 -15.62
N ARG F 6 -6.58 -2.47 -14.53
CA ARG F 6 -6.14 -2.77 -13.13
C ARG F 6 -6.12 -4.28 -12.89
N LYS F 7 -7.15 -5.05 -13.25
CA LYS F 7 -7.19 -6.50 -12.91
C LYS F 7 -6.10 -7.22 -13.70
N LYS F 8 -6.02 -6.96 -14.99
CA LYS F 8 -5.11 -7.66 -15.92
C LYS F 8 -3.68 -7.47 -15.43
N VAL F 9 -3.31 -6.25 -15.00
CA VAL F 9 -1.92 -5.92 -14.61
C VAL F 9 -1.61 -6.69 -13.34
N GLU F 10 -2.43 -6.48 -12.31
CA GLU F 10 -2.21 -7.01 -10.93
C GLU F 10 -2.23 -8.54 -10.95
N GLU F 11 -3.07 -9.23 -11.72
CA GLU F 11 -3.05 -10.72 -11.68
CA GLU F 11 -3.10 -10.72 -11.76
C GLU F 11 -1.75 -11.22 -12.33
N ASN F 12 -1.30 -10.60 -13.43
CA ASN F 12 -0.07 -11.04 -14.15
C ASN F 12 1.18 -10.76 -13.29
N LEU F 13 1.27 -9.56 -12.70
CA LEU F 13 2.31 -9.21 -11.70
C LEU F 13 2.27 -10.20 -10.53
N LYS F 14 1.10 -10.58 -10.03
CA LYS F 14 0.99 -11.56 -8.92
C LYS F 14 1.58 -12.90 -9.38
N LYS F 15 1.22 -13.36 -10.56
CA LYS F 15 1.71 -14.67 -11.08
C LYS F 15 3.21 -14.59 -11.38
N ALA F 16 3.74 -13.43 -11.78
CA ALA F 16 5.19 -13.25 -12.03
C ALA F 16 5.98 -13.49 -10.73
N GLU F 17 5.60 -12.84 -9.63
CA GLU F 17 6.15 -13.11 -8.27
C GLU F 17 6.15 -14.61 -8.04
N GLU F 18 4.98 -15.24 -8.11
CA GLU F 18 4.83 -16.69 -7.84
C GLU F 18 5.94 -17.42 -8.60
N LYS F 19 6.02 -17.20 -9.91
CA LYS F 19 6.95 -17.92 -10.81
C LYS F 19 8.39 -17.61 -10.41
N LEU F 20 8.73 -16.37 -10.03
CA LEU F 20 10.12 -16.00 -9.59
C LEU F 20 10.42 -16.62 -8.21
N LYS F 21 9.43 -16.81 -7.31
CA LYS F 21 9.65 -17.60 -6.06
C LYS F 21 9.97 -19.04 -6.47
N LYS F 22 9.13 -19.65 -7.30
CA LYS F 22 9.34 -21.05 -7.74
C LYS F 22 10.76 -21.20 -8.30
N ALA F 23 11.20 -20.23 -9.10
CA ALA F 23 12.54 -20.22 -9.74
C ALA F 23 13.64 -20.22 -8.67
N GLU F 24 13.54 -19.32 -7.68
CA GLU F 24 14.49 -19.19 -6.54
C GLU F 24 14.65 -20.57 -5.90
N GLU F 25 13.52 -21.23 -5.57
CA GLU F 25 13.50 -22.53 -4.87
C GLU F 25 14.28 -23.50 -5.73
N LEU F 26 13.97 -23.54 -7.03
CA LEU F 26 14.62 -24.49 -7.97
C LEU F 26 16.12 -24.18 -8.06
N LEU F 27 16.48 -22.90 -8.07
CA LEU F 27 17.93 -22.52 -8.11
C LEU F 27 18.65 -23.08 -6.87
N LYS F 28 18.14 -22.81 -5.65
CA LYS F 28 18.73 -23.30 -4.38
C LYS F 28 18.78 -24.82 -4.38
N LYS F 29 17.80 -25.50 -4.97
CA LYS F 29 17.85 -26.98 -5.14
C LYS F 29 19.02 -27.36 -6.06
N SER F 30 19.12 -26.80 -7.28
CA SER F 30 20.22 -27.05 -8.25
C SER F 30 21.58 -26.96 -7.56
N GLU F 31 21.77 -25.90 -6.78
CA GLU F 31 23.03 -25.67 -6.03
CA GLU F 31 22.99 -25.62 -5.95
C GLU F 31 23.23 -26.84 -5.05
N GLU F 32 22.22 -27.18 -4.25
CA GLU F 32 22.26 -28.30 -3.27
C GLU F 32 22.86 -29.51 -3.99
N ILE F 33 22.31 -29.93 -5.14
CA ILE F 33 22.69 -31.18 -5.86
C ILE F 33 24.14 -31.10 -6.36
N LEU F 34 24.66 -29.89 -6.65
CA LEU F 34 26.02 -29.73 -7.21
C LEU F 34 27.03 -29.97 -6.09
N LYS F 35 26.80 -29.34 -4.93
CA LYS F 35 27.62 -29.46 -3.69
C LYS F 35 27.80 -30.94 -3.31
N LYS F 36 26.74 -31.74 -3.40
CA LYS F 36 26.81 -33.22 -3.19
C LYS F 36 27.84 -33.84 -4.15
N ASN G 2 -39.73 59.21 -22.62
CA ASN G 2 -39.37 57.89 -22.03
C ASN G 2 -39.34 56.79 -23.09
N SER G 3 -40.36 56.72 -23.95
CA SER G 3 -40.60 55.65 -24.96
C SER G 3 -39.38 55.42 -25.88
N GLN G 4 -38.51 56.42 -26.05
CA GLN G 4 -37.22 56.31 -26.81
C GLN G 4 -36.18 55.57 -25.97
N ALA G 5 -36.06 55.93 -24.69
CA ALA G 5 -35.16 55.29 -23.69
C ALA G 5 -35.58 53.82 -23.48
N ILE G 6 -36.88 53.55 -23.58
CA ILE G 6 -37.51 52.23 -23.31
C ILE G 6 -37.21 51.32 -24.51
N ASP G 7 -37.31 51.83 -25.73
CA ASP G 7 -36.98 51.06 -26.98
C ASP G 7 -35.49 50.68 -26.92
N ASN G 8 -34.69 51.56 -26.30
CA ASN G 8 -33.23 51.49 -26.03
C ASN G 8 -32.96 50.33 -25.06
N LEU G 9 -33.57 50.29 -23.87
CA LEU G 9 -33.42 49.13 -22.94
C LEU G 9 -33.86 47.84 -23.64
N ARG G 10 -35.02 47.80 -24.28
CA ARG G 10 -35.52 46.58 -24.96
C ARG G 10 -34.44 46.10 -25.93
N ALA G 11 -33.77 47.01 -26.65
CA ALA G 11 -32.80 46.66 -27.71
C ALA G 11 -31.54 46.01 -27.09
N SER G 12 -30.96 46.65 -26.07
CA SER G 12 -29.70 46.26 -25.37
C SER G 12 -29.87 44.91 -24.64
N LEU G 13 -31.06 44.70 -24.06
CA LEU G 13 -31.35 43.53 -23.18
C LEU G 13 -31.67 42.30 -24.04
N GLU G 14 -32.24 42.47 -25.23
CA GLU G 14 -32.40 41.41 -26.26
C GLU G 14 -31.01 40.96 -26.73
N THR G 15 -30.11 41.91 -26.97
CA THR G 15 -28.68 41.68 -27.38
C THR G 15 -27.95 40.98 -26.23
N THR G 16 -28.04 41.49 -25.01
CA THR G 16 -27.53 40.81 -23.81
C THR G 16 -27.96 39.34 -23.85
N ASN G 17 -29.26 39.07 -23.89
CA ASN G 17 -29.76 37.67 -23.79
C ASN G 17 -29.04 36.82 -24.85
N GLN G 18 -28.74 37.37 -26.03
CA GLN G 18 -28.05 36.62 -27.12
C GLN G 18 -26.64 36.22 -26.64
N ALA G 19 -25.92 37.17 -26.03
CA ALA G 19 -24.56 36.98 -25.49
C ALA G 19 -24.62 35.89 -24.42
N ILE G 20 -25.62 35.91 -23.54
CA ILE G 20 -25.69 34.90 -22.44
C ILE G 20 -25.91 33.52 -23.08
N GLU G 21 -26.77 33.45 -24.10
CA GLU G 21 -26.98 32.20 -24.88
C GLU G 21 -25.62 31.66 -25.32
N ALA G 22 -24.83 32.48 -26.04
CA ALA G 22 -23.51 32.11 -26.59
C ALA G 22 -22.62 31.56 -25.46
N ILE G 23 -22.62 32.23 -24.29
CA ILE G 23 -21.88 31.76 -23.06
C ILE G 23 -22.42 30.41 -22.56
N ARG G 24 -23.74 30.23 -22.52
CA ARG G 24 -24.37 28.91 -22.13
C ARG G 24 -23.97 27.80 -23.12
N GLN G 25 -24.15 27.99 -24.42
CA GLN G 25 -23.72 27.01 -25.46
C GLN G 25 -22.23 26.71 -25.22
N ALA G 26 -21.42 27.75 -25.00
CA ALA G 26 -19.97 27.61 -24.73
C ALA G 26 -19.78 26.57 -23.61
N GLY G 27 -20.52 26.76 -22.51
CA GLY G 27 -20.57 25.87 -21.32
C GLY G 27 -20.89 24.43 -21.66
N GLN G 28 -21.93 24.17 -22.47
CA GLN G 28 -22.19 22.81 -23.03
C GLN G 28 -20.90 22.28 -23.69
N GLU G 29 -20.18 23.10 -24.48
CA GLU G 29 -18.95 22.68 -25.19
C GLU G 29 -17.84 22.30 -24.19
N MET G 30 -17.68 23.05 -23.09
CA MET G 30 -16.64 22.79 -22.05
C MET G 30 -16.98 21.53 -21.27
N ILE G 31 -18.26 21.26 -21.05
CA ILE G 31 -18.69 20.01 -20.37
C ILE G 31 -18.18 18.83 -21.22
N LEU G 32 -18.56 18.80 -22.50
CA LEU G 32 -18.21 17.71 -23.46
C LEU G 32 -16.69 17.52 -23.51
N ALA G 33 -15.91 18.60 -23.41
CA ALA G 33 -14.43 18.57 -23.44
C ALA G 33 -13.87 17.94 -22.16
N VAL G 34 -14.50 18.15 -21.00
CA VAL G 34 -14.05 17.48 -19.75
C VAL G 34 -14.52 16.02 -19.80
N GLN G 35 -15.72 15.77 -20.28
CA GLN G 35 -16.22 14.38 -20.44
C GLN G 35 -15.32 13.62 -21.41
N GLY G 36 -14.69 14.32 -22.35
CA GLY G 36 -13.69 13.76 -23.27
C GLY G 36 -12.44 13.27 -22.55
N VAL G 37 -11.73 14.17 -21.85
CA VAL G 37 -10.59 13.86 -20.94
C VAL G 37 -10.99 12.72 -20.00
N GLN G 38 -12.20 12.78 -19.43
CA GLN G 38 -12.67 11.76 -18.45
C GLN G 38 -12.83 10.40 -19.16
N ASP G 39 -12.99 10.40 -20.48
CA ASP G 39 -13.28 9.16 -21.24
C ASP G 39 -11.96 8.50 -21.65
N TYR G 40 -10.89 9.26 -21.85
CA TYR G 40 -9.52 8.67 -21.91
C TYR G 40 -9.31 7.89 -20.60
N ILE G 41 -9.65 8.53 -19.46
CA ILE G 41 -9.39 8.04 -18.07
C ILE G 41 -10.20 6.78 -17.78
N ASN G 42 -11.45 6.72 -18.22
CA ASN G 42 -12.37 5.59 -17.92
C ASN G 42 -12.07 4.39 -18.80
N ASN G 43 -11.32 4.56 -19.90
CA ASN G 43 -11.24 3.52 -20.95
C ASN G 43 -9.77 3.12 -21.20
N ILE H 2 -7.15 7.10 -27.87
CA ILE H 2 -6.62 8.47 -27.58
C ILE H 2 -6.95 9.41 -28.76
N GLU H 3 -7.00 8.88 -29.98
CA GLU H 3 -7.38 9.57 -31.24
C GLU H 3 -8.74 10.25 -31.09
N GLU H 4 -9.81 9.47 -30.95
CA GLU H 4 -11.19 10.02 -30.77
C GLU H 4 -11.21 11.03 -29.62
N GLU H 5 -10.56 10.68 -28.50
CA GLU H 5 -10.62 11.51 -27.26
CA GLU H 5 -10.63 11.50 -27.26
C GLU H 5 -9.94 12.85 -27.50
N ARG H 6 -8.74 12.88 -28.08
CA ARG H 6 -7.98 14.14 -28.32
CA ARG H 6 -7.99 14.14 -28.29
C ARG H 6 -8.86 15.11 -29.12
N LYS H 7 -9.64 14.58 -30.06
CA LYS H 7 -10.37 15.43 -31.05
C LYS H 7 -11.71 15.85 -30.44
N LYS H 8 -12.39 14.96 -29.72
CA LYS H 8 -13.55 15.31 -28.84
C LYS H 8 -13.18 16.53 -27.98
N VAL H 9 -12.00 16.54 -27.39
CA VAL H 9 -11.60 17.60 -26.42
C VAL H 9 -11.27 18.87 -27.19
N GLU H 10 -10.39 18.76 -28.19
CA GLU H 10 -9.75 19.96 -28.81
C GLU H 10 -10.75 20.66 -29.75
N GLU H 11 -11.73 19.96 -30.30
CA GLU H 11 -12.76 20.57 -31.20
C GLU H 11 -13.89 21.17 -30.36
N ASN H 12 -14.03 20.76 -29.09
CA ASN H 12 -15.02 21.37 -28.18
C ASN H 12 -14.39 22.63 -27.58
N LEU H 13 -13.09 22.64 -27.31
CA LEU H 13 -12.43 23.88 -26.81
C LEU H 13 -12.48 24.97 -27.89
N LYS H 14 -12.30 24.63 -29.16
CA LYS H 14 -12.25 25.65 -30.23
C LYS H 14 -13.68 26.20 -30.35
N LYS H 15 -14.70 25.34 -30.41
CA LYS H 15 -16.12 25.77 -30.49
C LYS H 15 -16.46 26.64 -29.26
N ALA H 16 -15.93 26.34 -28.08
CA ALA H 16 -16.15 27.15 -26.86
C ALA H 16 -15.48 28.52 -27.05
N GLU H 17 -14.26 28.52 -27.58
CA GLU H 17 -13.50 29.78 -27.81
C GLU H 17 -14.28 30.65 -28.81
N GLU H 18 -14.92 30.04 -29.82
CA GLU H 18 -15.76 30.71 -30.85
C GLU H 18 -16.99 31.34 -30.17
N LYS H 19 -17.81 30.52 -29.50
CA LYS H 19 -19.02 30.99 -28.79
C LYS H 19 -18.63 32.20 -27.91
N LEU H 20 -17.50 32.12 -27.20
CA LEU H 20 -17.10 33.16 -26.21
C LEU H 20 -16.65 34.42 -26.95
N LYS H 21 -16.18 34.28 -28.20
CA LYS H 21 -15.82 35.44 -29.06
C LYS H 21 -17.12 36.11 -29.53
N LYS H 22 -18.05 35.32 -30.08
CA LYS H 22 -19.42 35.73 -30.50
C LYS H 22 -20.10 36.45 -29.32
N ALA H 23 -19.86 36.01 -28.08
CA ALA H 23 -20.41 36.65 -26.87
C ALA H 23 -19.73 38.00 -26.61
N GLU H 24 -18.39 38.07 -26.73
CA GLU H 24 -17.61 39.32 -26.55
C GLU H 24 -18.19 40.38 -27.49
N GLU H 25 -18.36 40.04 -28.78
CA GLU H 25 -19.03 40.87 -29.83
C GLU H 25 -20.35 41.40 -29.24
N LEU H 26 -21.33 40.51 -29.08
CA LEU H 26 -22.72 40.81 -28.62
C LEU H 26 -22.70 41.75 -27.41
N LEU H 27 -21.89 41.47 -26.40
CA LEU H 27 -21.82 42.29 -25.17
C LEU H 27 -21.34 43.71 -25.46
N LYS H 28 -20.48 43.90 -26.46
CA LYS H 28 -19.98 45.25 -26.82
C LYS H 28 -21.05 45.91 -27.70
N LYS H 29 -21.65 45.12 -28.60
CA LYS H 29 -22.82 45.53 -29.42
C LYS H 29 -23.95 45.98 -28.49
N SER H 30 -24.14 45.31 -27.34
CA SER H 30 -25.22 45.58 -26.36
C SER H 30 -24.90 46.86 -25.58
N GLU H 31 -23.64 47.06 -25.18
CA GLU H 31 -23.19 48.28 -24.45
C GLU H 31 -23.17 49.50 -25.39
N GLU H 32 -23.13 49.29 -26.72
CA GLU H 32 -23.20 50.38 -27.73
C GLU H 32 -24.62 50.97 -27.75
N ILE H 33 -25.63 50.11 -27.73
CA ILE H 33 -27.07 50.50 -27.61
C ILE H 33 -27.24 51.33 -26.34
N LEU H 34 -26.82 50.79 -25.18
CA LEU H 34 -27.01 51.39 -23.82
C LEU H 34 -26.06 52.58 -23.63
N LYS H 35 -25.27 52.92 -24.64
CA LYS H 35 -24.61 54.24 -24.79
C LYS H 35 -25.55 55.10 -25.65
N LYS H 36 -25.31 55.14 -26.98
CA LYS H 36 -26.12 55.84 -28.00
C LYS H 36 -27.55 55.28 -27.94
N ASN I 2 -47.20 52.54 -20.73
CA ASN I 2 -45.79 53.06 -20.73
C ASN I 2 -45.20 52.93 -19.31
N SER I 3 -46.04 52.71 -18.30
CA SER I 3 -45.66 52.42 -16.90
C SER I 3 -45.45 50.91 -16.71
N GLN I 4 -46.20 50.09 -17.46
CA GLN I 4 -46.15 48.59 -17.41
C GLN I 4 -45.23 48.06 -18.51
N ALA I 5 -44.52 48.96 -19.20
CA ALA I 5 -43.35 48.63 -20.05
C ALA I 5 -42.13 48.52 -19.14
N ILE I 6 -41.98 49.42 -18.16
CA ILE I 6 -40.89 49.44 -17.14
C ILE I 6 -40.95 48.13 -16.33
N ASP I 7 -42.11 47.77 -15.78
CA ASP I 7 -42.31 46.54 -14.98
C ASP I 7 -42.05 45.30 -15.84
N ASN I 8 -42.25 45.43 -17.16
CA ASN I 8 -42.00 44.37 -18.16
C ASN I 8 -40.50 44.09 -18.20
N LEU I 9 -39.68 45.14 -18.34
CA LEU I 9 -38.21 45.06 -18.48
C LEU I 9 -37.60 44.56 -17.16
N ARG I 10 -37.97 45.19 -16.04
CA ARG I 10 -37.52 44.78 -14.69
C ARG I 10 -37.79 43.29 -14.51
N ALA I 11 -38.88 42.76 -15.08
CA ALA I 11 -39.30 41.36 -14.92
C ALA I 11 -38.35 40.46 -15.73
N SER I 12 -38.07 40.84 -16.98
CA SER I 12 -37.14 40.15 -17.90
C SER I 12 -35.71 40.21 -17.35
N LEU I 13 -35.23 41.41 -16.98
CA LEU I 13 -33.88 41.64 -16.40
C LEU I 13 -33.68 40.78 -15.13
N GLU I 14 -34.71 40.61 -14.30
CA GLU I 14 -34.60 39.79 -13.06
C GLU I 14 -34.54 38.28 -13.45
N THR I 15 -35.25 37.86 -14.48
CA THR I 15 -35.14 36.47 -15.01
C THR I 15 -33.72 36.29 -15.55
N THR I 16 -33.31 37.15 -16.49
CA THR I 16 -31.96 37.20 -17.13
C THR I 16 -30.89 37.11 -16.03
N ASN I 17 -31.04 37.87 -14.94
CA ASN I 17 -30.08 37.80 -13.81
C ASN I 17 -30.07 36.40 -13.18
N GLN I 18 -31.20 35.71 -13.18
CA GLN I 18 -31.32 34.36 -12.56
C GLN I 18 -30.72 33.33 -13.53
N ALA I 19 -30.77 33.58 -14.84
CA ALA I 19 -30.12 32.71 -15.85
C ALA I 19 -28.59 32.80 -15.68
N ILE I 20 -28.06 34.01 -15.48
CA ILE I 20 -26.60 34.30 -15.32
C ILE I 20 -26.07 33.62 -14.06
N GLU I 21 -26.80 33.71 -12.96
CA GLU I 21 -26.47 33.06 -11.68
C GLU I 21 -26.34 31.56 -11.93
N ALA I 22 -27.29 30.97 -12.64
CA ALA I 22 -27.28 29.53 -12.97
C ALA I 22 -25.96 29.20 -13.69
N ILE I 23 -25.58 30.05 -14.66
CA ILE I 23 -24.34 29.89 -15.48
C ILE I 23 -23.12 30.10 -14.59
N ARG I 24 -23.13 31.14 -13.74
CA ARG I 24 -22.07 31.37 -12.71
C ARG I 24 -21.85 30.04 -11.97
N GLN I 25 -22.95 29.39 -11.54
CA GLN I 25 -22.92 28.18 -10.66
C GLN I 25 -22.46 26.96 -11.50
N ALA I 26 -22.94 26.84 -12.74
CA ALA I 26 -22.44 25.87 -13.75
C ALA I 26 -20.92 25.99 -13.85
N GLY I 27 -20.43 27.22 -13.95
CA GLY I 27 -19.00 27.57 -13.90
C GLY I 27 -18.26 26.86 -12.79
N GLN I 28 -18.57 27.16 -11.52
CA GLN I 28 -18.01 26.49 -10.29
C GLN I 28 -18.01 24.98 -10.51
N GLU I 29 -19.14 24.39 -10.92
CA GLU I 29 -19.23 22.91 -11.09
C GLU I 29 -18.12 22.44 -12.05
N MET I 30 -17.91 23.12 -13.18
CA MET I 30 -16.87 22.78 -14.20
C MET I 30 -15.47 22.83 -13.57
N ILE I 31 -15.18 23.88 -12.79
CA ILE I 31 -13.86 24.10 -12.14
C ILE I 31 -13.53 22.87 -11.27
N LEU I 32 -14.45 22.49 -10.39
CA LEU I 32 -14.28 21.29 -9.51
C LEU I 32 -13.98 20.07 -10.36
N ALA I 33 -14.68 19.94 -11.50
CA ALA I 33 -14.57 18.78 -12.41
C ALA I 33 -13.11 18.69 -12.92
N VAL I 34 -12.57 19.80 -13.43
CA VAL I 34 -11.16 19.89 -13.89
C VAL I 34 -10.22 19.62 -12.70
N GLN I 35 -10.51 20.15 -11.50
CA GLN I 35 -9.64 19.96 -10.32
C GLN I 35 -9.68 18.48 -9.94
N GLY I 36 -10.87 17.87 -9.93
CA GLY I 36 -11.03 16.41 -9.75
C GLY I 36 -10.04 15.63 -10.61
N VAL I 37 -9.79 16.10 -11.84
CA VAL I 37 -8.88 15.44 -12.81
C VAL I 37 -7.44 15.73 -12.38
N GLN I 38 -7.14 16.98 -12.02
CA GLN I 38 -5.75 17.39 -11.65
C GLN I 38 -5.30 16.72 -10.34
N ASP I 39 -6.19 16.56 -9.35
CA ASP I 39 -5.85 15.85 -8.08
C ASP I 39 -5.38 14.44 -8.44
N TYR I 40 -6.08 13.79 -9.37
CA TYR I 40 -5.84 12.39 -9.81
C TYR I 40 -4.48 12.28 -10.50
N ILE I 41 -4.20 13.16 -11.46
CA ILE I 41 -2.84 13.31 -12.08
C ILE I 41 -1.80 13.50 -10.97
N ASN I 42 -2.05 14.39 -10.01
CA ASN I 42 -1.07 14.73 -8.96
C ASN I 42 -0.81 13.51 -8.04
N ASN I 43 -1.79 12.61 -7.87
CA ASN I 43 -1.72 11.46 -6.91
C ASN I 43 -1.20 10.20 -7.60
N ILE J 2 -9.44 5.80 -8.28
CA ILE J 2 -9.83 6.25 -9.66
C ILE J 2 -11.35 6.16 -9.76
N GLU J 3 -11.98 5.28 -8.97
CA GLU J 3 -13.47 5.21 -8.80
C GLU J 3 -13.97 6.50 -8.12
N GLU J 4 -13.15 7.12 -7.26
CA GLU J 4 -13.46 8.42 -6.60
C GLU J 4 -13.45 9.53 -7.66
N GLU J 5 -12.30 9.77 -8.28
CA GLU J 5 -12.11 10.78 -9.37
C GLU J 5 -13.27 10.67 -10.39
N ARG J 6 -13.60 9.48 -10.88
CA ARG J 6 -14.75 9.21 -11.80
C ARG J 6 -16.04 9.66 -11.09
N LYS J 7 -16.26 9.24 -9.85
CA LYS J 7 -17.51 9.57 -9.11
C LYS J 7 -17.66 11.10 -9.11
N LYS J 8 -16.66 11.82 -8.58
CA LYS J 8 -16.66 13.30 -8.37
C LYS J 8 -16.89 14.05 -9.68
N VAL J 9 -16.06 13.80 -10.69
CA VAL J 9 -16.08 14.49 -12.02
C VAL J 9 -17.45 14.29 -12.69
N GLU J 10 -17.90 13.04 -12.90
CA GLU J 10 -19.19 12.73 -13.57
C GLU J 10 -20.35 13.42 -12.83
N GLU J 11 -20.22 13.67 -11.52
CA GLU J 11 -21.29 14.32 -10.71
C GLU J 11 -21.26 15.84 -10.94
N ASN J 12 -20.08 16.47 -10.83
CA ASN J 12 -19.89 17.91 -11.17
C ASN J 12 -20.45 18.19 -12.57
N LEU J 13 -20.12 17.33 -13.53
CA LEU J 13 -20.55 17.49 -14.95
C LEU J 13 -22.06 17.29 -15.06
N LYS J 14 -22.65 16.33 -14.34
CA LYS J 14 -24.13 16.18 -14.31
C LYS J 14 -24.75 17.49 -13.77
N LYS J 15 -24.20 18.05 -12.70
CA LYS J 15 -24.75 19.25 -12.04
C LYS J 15 -24.65 20.42 -13.02
N ALA J 16 -23.46 20.63 -13.59
CA ALA J 16 -23.20 21.66 -14.63
C ALA J 16 -24.28 21.59 -15.72
N GLU J 17 -24.62 20.38 -16.17
CA GLU J 17 -25.68 20.11 -17.18
C GLU J 17 -27.04 20.60 -16.65
N GLU J 18 -27.39 20.29 -15.39
CA GLU J 18 -28.70 20.69 -14.78
C GLU J 18 -28.78 22.23 -14.78
N LYS J 19 -27.70 22.89 -14.36
CA LYS J 19 -27.64 24.35 -14.18
C LYS J 19 -27.70 25.06 -15.56
N LEU J 20 -26.91 24.62 -16.55
CA LEU J 20 -26.97 25.28 -17.87
C LEU J 20 -28.37 25.07 -18.41
N LYS J 21 -29.01 23.95 -18.06
CA LYS J 21 -30.37 23.62 -18.58
C LYS J 21 -31.39 24.53 -17.90
N LYS J 22 -31.32 24.64 -16.57
CA LYS J 22 -32.06 25.65 -15.77
C LYS J 22 -31.90 27.00 -16.47
N ALA J 23 -30.65 27.38 -16.76
CA ALA J 23 -30.27 28.71 -17.31
C ALA J 23 -31.01 28.98 -18.62
N GLU J 24 -31.12 27.95 -19.47
CA GLU J 24 -31.76 28.03 -20.80
C GLU J 24 -33.25 28.33 -20.57
N GLU J 25 -33.90 27.61 -19.65
CA GLU J 25 -35.32 27.77 -19.25
C GLU J 25 -35.59 29.25 -18.95
N LEU J 26 -34.66 29.89 -18.26
CA LEU J 26 -34.80 31.29 -17.78
C LEU J 26 -34.64 32.26 -18.95
N LEU J 27 -33.56 32.16 -19.73
CA LEU J 27 -33.38 33.04 -20.92
C LEU J 27 -34.64 32.97 -21.80
N LYS J 28 -35.25 31.79 -21.92
CA LYS J 28 -36.50 31.56 -22.70
C LYS J 28 -37.66 32.33 -22.05
N LYS J 29 -37.84 32.21 -20.73
CA LYS J 29 -38.91 32.93 -19.97
C LYS J 29 -38.68 34.45 -20.13
N SER J 30 -37.41 34.87 -20.07
CA SER J 30 -36.95 36.28 -20.25
C SER J 30 -37.40 36.81 -21.62
N GLU J 31 -37.09 36.12 -22.72
CA GLU J 31 -37.42 36.51 -24.11
C GLU J 31 -38.94 36.58 -24.28
N GLU J 32 -39.67 35.56 -23.82
CA GLU J 32 -41.15 35.54 -23.84
C GLU J 32 -41.66 36.86 -23.27
N ILE J 33 -41.17 37.23 -22.08
CA ILE J 33 -41.56 38.46 -21.34
C ILE J 33 -41.37 39.71 -22.23
N LEU J 34 -40.31 39.74 -23.04
CA LEU J 34 -39.97 40.89 -23.93
C LEU J 34 -40.92 40.96 -25.14
N LYS J 35 -41.32 39.81 -25.69
CA LYS J 35 -42.29 39.71 -26.82
C LYS J 35 -43.60 40.37 -26.40
N LYS J 36 -43.95 40.23 -25.11
CA LYS J 36 -45.29 40.54 -24.57
C LYS J 36 -45.54 42.05 -24.68
N ASN K 2 -41.59 57.15 -13.30
CA ASN K 2 -41.33 56.42 -14.58
C ASN K 2 -39.90 56.71 -15.06
N SER K 3 -39.56 57.99 -15.22
CA SER K 3 -38.26 58.49 -15.73
C SER K 3 -37.11 58.15 -14.76
N GLN K 4 -37.43 57.91 -13.47
CA GLN K 4 -36.52 57.33 -12.44
C GLN K 4 -36.23 55.86 -12.78
N ALA K 5 -37.29 55.03 -12.76
CA ALA K 5 -37.23 53.55 -12.92
C ALA K 5 -36.49 53.19 -14.20
N ILE K 6 -36.58 54.02 -15.25
CA ILE K 6 -35.79 53.89 -16.51
C ILE K 6 -34.30 54.05 -16.20
N ASP K 7 -33.93 54.98 -15.30
CA ASP K 7 -32.52 55.22 -14.93
C ASP K 7 -32.01 54.03 -14.08
N ASN K 8 -32.87 53.40 -13.27
CA ASN K 8 -32.47 52.28 -12.37
CA ASN K 8 -32.50 52.28 -12.37
C ASN K 8 -32.40 50.98 -13.17
N LEU K 9 -32.89 50.96 -14.42
CA LEU K 9 -32.80 49.77 -15.32
C LEU K 9 -31.56 49.91 -16.20
N ARG K 10 -31.25 51.14 -16.64
CA ARG K 10 -29.99 51.46 -17.36
C ARG K 10 -28.82 51.21 -16.41
N ALA K 11 -29.02 51.42 -15.11
CA ALA K 11 -28.02 51.17 -14.05
C ALA K 11 -27.78 49.67 -13.92
N SER K 12 -28.88 48.92 -13.72
CA SER K 12 -28.88 47.47 -13.43
C SER K 12 -28.24 46.72 -14.59
N LEU K 13 -28.72 46.99 -15.81
CA LEU K 13 -28.32 46.34 -17.08
C LEU K 13 -26.83 46.61 -17.36
N GLU K 14 -26.35 47.83 -17.08
CA GLU K 14 -24.90 48.16 -17.06
C GLU K 14 -24.19 47.07 -16.25
N THR K 15 -24.41 47.06 -14.93
CA THR K 15 -23.80 46.16 -13.93
C THR K 15 -23.91 44.70 -14.38
N THR K 16 -25.14 44.25 -14.66
CA THR K 16 -25.45 42.88 -15.16
C THR K 16 -24.47 42.55 -16.29
N ASN K 17 -24.27 43.48 -17.23
CA ASN K 17 -23.38 43.26 -18.40
C ASN K 17 -21.91 43.14 -17.97
N GLN K 18 -21.44 43.92 -17.00
CA GLN K 18 -20.04 43.81 -16.46
C GLN K 18 -19.88 42.36 -15.95
N ALA K 19 -20.83 41.89 -15.14
CA ALA K 19 -20.85 40.51 -14.61
C ALA K 19 -20.75 39.50 -15.75
N ILE K 20 -21.39 39.77 -16.88
CA ILE K 20 -21.43 38.78 -17.99
C ILE K 20 -20.01 38.69 -18.55
N GLU K 21 -19.32 39.82 -18.75
CA GLU K 21 -17.91 39.88 -19.19
C GLU K 21 -17.05 39.07 -18.21
N ALA K 22 -17.31 39.23 -16.90
CA ALA K 22 -16.61 38.50 -15.82
C ALA K 22 -16.71 36.99 -16.07
N ILE K 23 -17.94 36.48 -16.22
CA ILE K 23 -18.25 35.07 -16.56
C ILE K 23 -17.55 34.64 -17.86
N ARG K 24 -17.53 35.49 -18.90
CA ARG K 24 -16.91 35.19 -20.22
C ARG K 24 -15.39 34.98 -20.05
N GLN K 25 -14.74 35.80 -19.22
CA GLN K 25 -13.29 35.68 -18.94
C GLN K 25 -13.04 34.34 -18.24
N ALA K 26 -13.79 34.03 -17.18
CA ALA K 26 -13.71 32.76 -16.43
C ALA K 26 -13.80 31.54 -17.37
N GLY K 27 -14.72 31.56 -18.33
CA GLY K 27 -14.85 30.53 -19.37
C GLY K 27 -13.61 30.46 -20.24
N GLN K 28 -13.11 31.61 -20.71
CA GLN K 28 -11.81 31.77 -21.42
C GLN K 28 -10.72 31.04 -20.61
N GLU K 29 -10.66 31.31 -19.31
CA GLU K 29 -9.66 30.77 -18.36
C GLU K 29 -9.88 29.26 -18.18
N MET K 30 -11.13 28.78 -18.18
CA MET K 30 -11.46 27.33 -18.04
C MET K 30 -11.04 26.60 -19.31
N ILE K 31 -11.04 27.27 -20.46
CA ILE K 31 -10.65 26.65 -21.75
C ILE K 31 -9.14 26.32 -21.67
N LEU K 32 -8.34 27.25 -21.10
CA LEU K 32 -6.86 27.11 -20.93
C LEU K 32 -6.53 26.03 -19.89
N ALA K 33 -7.24 25.96 -18.75
CA ALA K 33 -7.03 24.87 -17.76
C ALA K 33 -7.14 23.52 -18.48
N VAL K 34 -8.21 23.33 -19.23
CA VAL K 34 -8.52 22.04 -19.91
C VAL K 34 -7.51 21.82 -21.04
N GLN K 35 -7.07 22.86 -21.76
CA GLN K 35 -6.09 22.67 -22.85
C GLN K 35 -4.78 22.18 -22.22
N GLY K 36 -4.39 22.80 -21.10
CA GLY K 36 -3.23 22.40 -20.28
C GLY K 36 -3.25 20.92 -19.96
N VAL K 37 -4.38 20.39 -19.51
CA VAL K 37 -4.49 18.96 -19.15
C VAL K 37 -4.23 18.15 -20.43
N GLN K 38 -5.01 18.41 -21.48
CA GLN K 38 -4.94 17.68 -22.77
C GLN K 38 -3.52 17.82 -23.34
N ASP K 39 -2.90 19.02 -23.33
CA ASP K 39 -1.49 19.23 -23.75
C ASP K 39 -0.57 18.18 -23.11
N TYR K 40 -0.76 17.90 -21.81
CA TYR K 40 0.12 17.03 -20.99
C TYR K 40 -0.16 15.55 -21.32
N ILE K 41 -1.41 15.17 -21.62
CA ILE K 41 -1.83 13.81 -22.12
C ILE K 41 -1.20 13.51 -23.49
N ASN K 42 -1.37 14.38 -24.47
CA ASN K 42 -0.82 14.18 -25.84
C ASN K 42 0.70 14.00 -25.79
N ASN K 43 1.38 14.62 -24.81
CA ASN K 43 2.86 14.69 -24.67
C ASN K 43 3.41 13.53 -23.81
N ILE L 2 4.96 17.90 -16.02
CA ILE L 2 4.03 17.99 -14.84
C ILE L 2 4.22 19.34 -14.12
N GLU L 3 5.43 19.88 -14.08
CA GLU L 3 5.70 21.20 -13.42
C GLU L 3 5.06 22.31 -14.26
N GLU L 4 5.22 22.25 -15.59
CA GLU L 4 4.62 23.20 -16.56
C GLU L 4 3.10 23.04 -16.59
N GLU L 5 2.61 21.80 -16.63
CA GLU L 5 1.16 21.47 -16.59
C GLU L 5 0.56 22.01 -15.29
N ARG L 6 1.14 21.68 -14.13
CA ARG L 6 0.64 22.07 -12.78
C ARG L 6 0.33 23.56 -12.75
N LYS L 7 1.29 24.39 -13.14
CA LYS L 7 1.19 25.86 -13.06
C LYS L 7 0.17 26.37 -14.08
N LYS L 8 -0.10 25.65 -15.17
CA LYS L 8 -1.05 26.08 -16.24
CA LYS L 8 -1.05 26.08 -16.24
C LYS L 8 -2.49 25.75 -15.79
N VAL L 9 -2.70 24.59 -15.18
CA VAL L 9 -4.06 24.17 -14.73
C VAL L 9 -4.49 24.99 -13.50
N GLU L 10 -3.66 25.05 -12.45
CA GLU L 10 -3.98 25.72 -11.16
C GLU L 10 -4.09 27.24 -11.37
N GLU L 11 -3.12 27.81 -12.08
CA GLU L 11 -3.03 29.27 -12.29
C GLU L 11 -4.20 29.75 -13.16
N ASN L 12 -4.83 28.86 -13.92
CA ASN L 12 -6.00 29.22 -14.77
C ASN L 12 -7.28 28.84 -14.02
N LEU L 13 -7.31 27.73 -13.29
CA LEU L 13 -8.50 27.28 -12.52
C LEU L 13 -8.85 28.30 -11.44
N LYS L 14 -7.87 28.97 -10.84
CA LYS L 14 -8.18 29.90 -9.73
C LYS L 14 -8.40 31.30 -10.32
N LYS L 15 -7.73 31.68 -11.40
CA LYS L 15 -8.09 32.91 -12.19
C LYS L 15 -9.58 32.85 -12.61
N ALA L 16 -10.10 31.66 -12.90
CA ALA L 16 -11.53 31.44 -13.26
C ALA L 16 -12.42 31.67 -12.03
N GLU L 17 -12.21 30.90 -10.96
CA GLU L 17 -12.87 31.07 -9.63
C GLU L 17 -12.79 32.55 -9.21
N GLU L 18 -11.63 33.18 -9.40
CA GLU L 18 -11.40 34.62 -9.08
C GLU L 18 -12.44 35.44 -9.84
N LYS L 19 -12.59 35.19 -11.13
CA LYS L 19 -13.54 35.92 -12.02
C LYS L 19 -14.97 35.54 -11.65
N LEU L 20 -15.26 34.26 -11.44
CA LEU L 20 -16.62 33.79 -11.10
C LEU L 20 -17.12 34.47 -9.82
N LYS L 21 -16.21 34.81 -8.89
CA LYS L 21 -16.56 35.46 -7.61
C LYS L 21 -16.93 36.93 -7.89
N LYS L 22 -16.15 37.60 -8.75
CA LYS L 22 -16.45 38.97 -9.25
C LYS L 22 -17.78 38.95 -9.99
N ALA L 23 -18.12 37.84 -10.65
CA ALA L 23 -19.43 37.62 -11.30
C ALA L 23 -20.52 37.53 -10.22
N GLU L 24 -20.31 36.79 -9.13
CA GLU L 24 -21.33 36.59 -8.06
C GLU L 24 -21.67 37.92 -7.38
N GLU L 25 -20.66 38.76 -7.12
CA GLU L 25 -20.78 40.09 -6.48
C GLU L 25 -21.53 41.06 -7.42
N LEU L 26 -21.05 41.24 -8.67
CA LEU L 26 -21.62 42.14 -9.71
C LEU L 26 -23.07 41.76 -10.06
N LEU L 27 -23.48 40.51 -9.82
CA LEU L 27 -24.91 40.12 -10.00
C LEU L 27 -25.70 40.74 -8.86
N LYS L 28 -25.41 40.33 -7.61
CA LYS L 28 -26.12 40.75 -6.36
C LYS L 28 -26.24 42.27 -6.33
N LYS L 29 -25.13 42.98 -6.62
CA LYS L 29 -25.10 44.46 -6.74
C LYS L 29 -26.27 44.96 -7.60
N SER L 30 -26.39 44.45 -8.84
CA SER L 30 -27.48 44.77 -9.79
C SER L 30 -28.84 44.43 -9.16
N GLU L 31 -29.01 43.20 -8.66
CA GLU L 31 -30.22 42.74 -7.91
C GLU L 31 -30.54 43.71 -6.77
N GLU L 32 -29.51 44.27 -6.13
CA GLU L 32 -29.66 45.24 -5.01
C GLU L 32 -29.94 46.63 -5.57
N ILE L 33 -29.62 46.89 -6.85
CA ILE L 33 -30.02 48.13 -7.60
C ILE L 33 -31.49 48.00 -8.00
N LEU L 34 -31.95 46.77 -8.22
CA LEU L 34 -33.31 46.44 -8.72
C LEU L 34 -34.35 46.53 -7.57
N LYS L 35 -33.95 46.26 -6.33
CA LYS L 35 -34.78 46.47 -5.10
C LYS L 35 -35.07 47.97 -4.91
N LYS L 36 -34.14 48.83 -5.35
CA LYS L 36 -34.22 50.32 -5.32
C LYS L 36 -34.78 50.80 -6.67
N ASN M 2 46.42 -52.23 25.40
CA ASN M 2 45.94 -51.07 26.21
C ASN M 2 46.71 -49.80 25.81
N SER M 3 47.72 -49.93 24.94
CA SER M 3 48.34 -48.80 24.21
C SER M 3 47.28 -48.13 23.31
N GLN M 4 46.81 -48.85 22.29
CA GLN M 4 45.90 -48.27 21.26
C GLN M 4 44.57 -47.89 21.94
N ALA M 5 44.01 -48.77 22.77
CA ALA M 5 42.71 -48.60 23.45
C ALA M 5 42.67 -47.27 24.22
N ILE M 6 43.75 -46.86 24.89
CA ILE M 6 43.82 -45.52 25.54
C ILE M 6 43.73 -44.44 24.45
N ASP M 7 44.54 -44.51 23.40
CA ASP M 7 44.62 -43.50 22.31
C ASP M 7 43.27 -43.39 21.56
N ASN M 8 42.56 -44.50 21.39
CA ASN M 8 41.22 -44.50 20.74
C ASN M 8 40.25 -43.69 21.63
N LEU M 9 40.11 -44.06 22.91
CA LEU M 9 39.29 -43.28 23.88
C LEU M 9 39.72 -41.81 23.81
N ARG M 10 41.01 -41.53 23.65
CA ARG M 10 41.59 -40.18 23.73
C ARG M 10 41.09 -39.39 22.52
N ALA M 11 41.31 -39.93 21.32
CA ALA M 11 40.84 -39.36 20.05
C ALA M 11 39.34 -39.08 20.14
N SER M 12 38.60 -40.02 20.74
CA SER M 12 37.11 -40.03 20.79
C SER M 12 36.64 -38.84 21.61
N LEU M 13 37.22 -38.65 22.81
CA LEU M 13 36.92 -37.50 23.72
C LEU M 13 37.30 -36.17 23.04
N GLU M 14 38.33 -36.14 22.23
CA GLU M 14 38.74 -34.91 21.50
C GLU M 14 37.64 -34.55 20.48
N THR M 15 37.06 -35.55 19.81
CA THR M 15 36.01 -35.33 18.79
C THR M 15 34.73 -34.85 19.50
N THR M 16 34.28 -35.58 20.51
CA THR M 16 33.16 -35.25 21.42
C THR M 16 33.26 -33.78 21.88
N ASN M 17 34.42 -33.37 22.37
CA ASN M 17 34.64 -31.99 22.84
C ASN M 17 34.41 -31.03 21.66
N GLN M 18 34.96 -31.34 20.49
CA GLN M 18 34.75 -30.52 19.26
C GLN M 18 33.22 -30.46 19.00
N ALA M 19 32.50 -31.58 19.15
CA ALA M 19 31.03 -31.67 18.94
C ALA M 19 30.30 -30.77 19.94
N ILE M 20 30.69 -30.83 21.21
CA ILE M 20 30.11 -29.98 22.26
C ILE M 20 30.39 -28.53 21.88
N GLU M 21 31.59 -28.23 21.42
CA GLU M 21 31.95 -26.81 21.17
C GLU M 21 30.94 -26.28 20.16
N ALA M 22 30.65 -27.06 19.12
CA ALA M 22 29.72 -26.65 18.06
C ALA M 22 28.29 -26.45 18.61
N ILE M 23 27.87 -27.28 19.58
CA ILE M 23 26.51 -27.16 20.21
C ILE M 23 26.50 -25.89 21.10
N ARG M 24 27.59 -25.63 21.82
CA ARG M 24 27.77 -24.36 22.57
C ARG M 24 27.44 -23.23 21.60
N GLN M 25 28.07 -23.25 20.43
CA GLN M 25 28.05 -22.13 19.46
C GLN M 25 26.64 -22.03 18.87
N ALA M 26 25.99 -23.17 18.57
CA ALA M 26 24.58 -23.24 18.13
C ALA M 26 23.73 -22.55 19.18
N GLY M 27 23.97 -22.87 20.46
CA GLY M 27 23.37 -22.21 21.62
C GLY M 27 23.43 -20.69 21.54
N GLN M 28 24.62 -20.15 21.32
CA GLN M 28 24.82 -18.69 21.32
C GLN M 28 23.96 -18.14 20.19
N GLU M 29 23.85 -18.89 19.08
CA GLU M 29 23.09 -18.38 17.89
C GLU M 29 21.57 -18.45 18.15
N MET M 30 21.13 -19.41 18.93
CA MET M 30 19.69 -19.56 19.31
C MET M 30 19.32 -18.46 20.27
N ILE M 31 20.22 -18.04 21.15
CA ILE M 31 19.95 -16.92 22.11
C ILE M 31 19.73 -15.65 21.28
N LEU M 32 20.63 -15.43 20.32
CA LEU M 32 20.61 -14.27 19.42
C LEU M 32 19.27 -14.27 18.69
N ALA M 33 18.89 -15.40 18.09
CA ALA M 33 17.62 -15.51 17.33
C ALA M 33 16.46 -15.10 18.24
N VAL M 34 16.40 -15.64 19.46
CA VAL M 34 15.25 -15.35 20.35
C VAL M 34 15.28 -13.86 20.68
N GLN M 35 16.45 -13.31 20.98
CA GLN M 35 16.61 -11.86 21.31
CA GLN M 35 16.65 -11.86 21.30
C GLN M 35 16.09 -11.03 20.14
N GLY M 36 16.31 -11.49 18.91
CA GLY M 36 15.82 -10.84 17.68
C GLY M 36 14.30 -10.72 17.65
N VAL M 37 13.60 -11.78 18.05
CA VAL M 37 12.12 -11.81 18.15
C VAL M 37 11.70 -10.89 19.29
N GLN M 38 12.41 -10.93 20.42
CA GLN M 38 12.12 -10.07 21.59
C GLN M 38 12.34 -8.59 21.21
N ASP M 39 13.34 -8.31 20.37
CA ASP M 39 13.70 -6.94 19.94
C ASP M 39 12.53 -6.35 19.17
N TYR M 40 11.92 -7.17 18.30
CA TYR M 40 10.69 -6.79 17.56
C TYR M 40 9.61 -6.45 18.61
N ILE M 41 9.32 -7.35 19.55
CA ILE M 41 8.26 -7.10 20.59
C ILE M 41 8.59 -5.82 21.36
N ASN M 42 9.84 -5.63 21.77
CA ASN M 42 10.32 -4.43 22.53
C ASN M 42 10.23 -3.14 21.70
N ASN M 43 10.26 -3.20 20.37
CA ASN M 43 10.43 -1.99 19.50
C ASN M 43 9.27 -1.86 18.51
N ILE N 2 12.08 -3.78 11.44
CA ILE N 2 11.54 -5.17 11.36
C ILE N 2 12.36 -5.99 10.34
N GLU N 3 12.82 -5.36 9.26
CA GLU N 3 13.77 -5.97 8.30
C GLU N 3 14.98 -6.51 9.10
N GLU N 4 15.60 -5.71 9.96
CA GLU N 4 16.84 -6.09 10.69
C GLU N 4 16.55 -7.07 11.85
N GLU N 5 15.34 -7.08 12.42
CA GLU N 5 15.01 -8.08 13.47
CA GLU N 5 14.97 -8.08 13.46
C GLU N 5 14.77 -9.42 12.75
N ARG N 6 14.12 -9.40 11.59
CA ARG N 6 13.87 -10.62 10.78
C ARG N 6 15.22 -11.20 10.36
N LYS N 7 16.16 -10.37 9.88
CA LYS N 7 17.49 -10.84 9.39
C LYS N 7 18.30 -11.40 10.57
N LYS N 8 18.23 -10.74 11.73
CA LYS N 8 18.95 -11.18 12.96
C LYS N 8 18.42 -12.55 13.42
N VAL N 9 17.15 -12.85 13.15
CA VAL N 9 16.53 -14.12 13.59
C VAL N 9 16.96 -15.19 12.58
N GLU N 10 16.65 -14.98 11.31
CA GLU N 10 16.75 -16.01 10.24
C GLU N 10 18.22 -16.38 10.03
N GLU N 11 19.13 -15.39 10.06
CA GLU N 11 20.59 -15.58 9.88
C GLU N 11 21.12 -16.41 11.04
N ASN N 12 20.76 -16.06 12.27
CA ASN N 12 21.28 -16.78 13.46
C ASN N 12 20.73 -18.20 13.46
N LEU N 13 19.44 -18.37 13.15
CA LEU N 13 18.85 -19.73 13.03
C LEU N 13 19.60 -20.50 11.94
N LYS N 14 20.04 -19.84 10.88
CA LYS N 14 20.72 -20.55 9.76
C LYS N 14 22.06 -21.10 10.27
N LYS N 15 22.76 -20.32 11.08
CA LYS N 15 24.15 -20.61 11.49
C LYS N 15 24.13 -21.65 12.61
N ALA N 16 23.04 -21.72 13.40
CA ALA N 16 22.83 -22.72 14.47
C ALA N 16 22.50 -24.06 13.82
N GLU N 17 21.68 -24.04 12.78
CA GLU N 17 21.28 -25.24 11.97
CA GLU N 17 21.28 -25.26 12.02
C GLU N 17 22.54 -25.94 11.45
N GLU N 18 23.47 -25.16 10.89
CA GLU N 18 24.77 -25.61 10.29
C GLU N 18 25.70 -26.17 11.37
N LYS N 19 25.79 -25.48 12.51
CA LYS N 19 26.67 -25.93 13.61
C LYS N 19 26.12 -27.23 14.23
N LEU N 20 24.81 -27.43 14.31
CA LEU N 20 24.24 -28.70 14.83
C LEU N 20 24.55 -29.84 13.84
N LYS N 21 24.50 -29.56 12.54
CA LYS N 21 24.88 -30.53 11.48
C LYS N 21 26.35 -30.91 11.66
N LYS N 22 27.20 -29.91 11.94
CA LYS N 22 28.64 -30.15 12.17
C LYS N 22 28.78 -31.07 13.39
N ALA N 23 28.10 -30.75 14.48
CA ALA N 23 28.17 -31.49 15.77
C ALA N 23 27.68 -32.93 15.56
N GLU N 24 26.69 -33.14 14.70
CA GLU N 24 26.20 -34.49 14.33
C GLU N 24 27.36 -35.25 13.70
N GLU N 25 27.93 -34.71 12.62
CA GLU N 25 29.08 -35.29 11.90
C GLU N 25 30.17 -35.64 12.91
N LEU N 26 30.53 -34.73 13.81
CA LEU N 26 31.61 -34.93 14.83
C LEU N 26 31.21 -36.06 15.80
N LEU N 27 29.93 -36.16 16.17
CA LEU N 27 29.47 -37.23 17.10
C LEU N 27 29.69 -38.61 16.45
N LYS N 28 29.24 -38.78 15.22
CA LYS N 28 29.39 -40.02 14.43
C LYS N 28 30.88 -40.42 14.38
N LYS N 29 31.79 -39.45 14.17
CA LYS N 29 33.25 -39.71 14.20
C LYS N 29 33.62 -40.28 15.58
N SER N 30 33.12 -39.67 16.66
CA SER N 30 33.36 -40.13 18.06
C SER N 30 32.86 -41.58 18.21
N GLU N 31 31.61 -41.88 17.80
CA GLU N 31 31.09 -43.27 17.88
CA GLU N 31 31.00 -43.24 17.74
C GLU N 31 31.94 -44.19 16.99
N GLU N 32 32.34 -43.80 15.76
CA GLU N 32 33.11 -44.65 14.81
C GLU N 32 34.47 -45.00 15.43
N ILE N 33 35.23 -44.00 15.86
CA ILE N 33 36.54 -44.17 16.57
C ILE N 33 36.36 -45.11 17.78
N LEU N 34 35.19 -45.06 18.44
CA LEU N 34 34.92 -45.83 19.69
C LEU N 34 34.61 -47.30 19.35
N LYS N 35 33.84 -47.54 18.27
CA LYS N 35 33.52 -48.89 17.73
C LYS N 35 34.78 -49.63 17.28
N LYS N 36 35.76 -48.94 16.66
CA LYS N 36 37.02 -49.53 16.14
C LYS N 36 38.04 -49.69 17.28
N ASN O 2 50.01 -46.44 31.39
CA ASN O 2 48.54 -46.66 31.18
C ASN O 2 47.73 -46.08 32.36
N SER O 3 48.35 -45.95 33.54
CA SER O 3 47.75 -45.31 34.74
C SER O 3 47.56 -43.80 34.50
N GLN O 4 48.67 -43.04 34.45
CA GLN O 4 48.73 -41.54 34.40
C GLN O 4 47.84 -40.98 33.29
N ALA O 5 47.70 -41.72 32.18
CA ALA O 5 46.89 -41.38 30.99
C ALA O 5 45.40 -41.67 31.25
N ILE O 6 45.07 -42.74 31.97
CA ILE O 6 43.67 -43.08 32.37
C ILE O 6 43.15 -42.05 33.38
N ASP O 7 43.95 -41.69 34.40
CA ASP O 7 43.56 -40.72 35.46
C ASP O 7 43.53 -39.28 34.93
N ASN O 8 44.07 -39.04 33.72
CA ASN O 8 43.99 -37.75 32.98
C ASN O 8 42.81 -37.84 32.01
N LEU O 9 42.60 -39.00 31.38
CA LEU O 9 41.36 -39.29 30.61
C LEU O 9 40.11 -39.17 31.50
N ARG O 10 40.19 -39.52 32.78
CA ARG O 10 39.00 -39.58 33.67
C ARG O 10 38.68 -38.14 34.12
N ALA O 11 39.69 -37.40 34.60
CA ALA O 11 39.63 -35.98 35.02
C ALA O 11 39.07 -35.12 33.87
N SER O 12 39.37 -35.49 32.62
CA SER O 12 38.95 -34.81 31.37
C SER O 12 37.46 -35.01 31.19
N LEU O 13 37.05 -36.27 31.10
CA LEU O 13 35.64 -36.66 30.84
C LEU O 13 34.74 -35.99 31.89
N GLU O 14 35.11 -36.07 33.17
CA GLU O 14 34.31 -35.54 34.31
C GLU O 14 34.10 -34.01 34.11
N THR O 15 35.14 -33.28 33.72
CA THR O 15 35.10 -31.83 33.35
C THR O 15 34.18 -31.64 32.13
N THR O 16 34.28 -32.53 31.13
CA THR O 16 33.46 -32.52 29.88
C THR O 16 31.98 -32.75 30.22
N ASN O 17 31.67 -33.82 30.96
CA ASN O 17 30.28 -34.06 31.45
C ASN O 17 29.75 -32.75 32.07
N GLN O 18 30.51 -32.08 32.94
CA GLN O 18 30.10 -30.85 33.65
C GLN O 18 29.68 -29.80 32.61
N ALA O 19 30.55 -29.50 31.63
CA ALA O 19 30.29 -28.57 30.51
C ALA O 19 29.02 -28.95 29.75
N ILE O 20 28.69 -30.23 29.62
CA ILE O 20 27.42 -30.65 28.95
C ILE O 20 26.22 -30.25 29.83
N GLU O 21 26.30 -30.46 31.14
CA GLU O 21 25.18 -30.18 32.08
C GLU O 21 24.80 -28.69 31.95
N ALA O 22 25.78 -27.82 31.70
CA ALA O 22 25.62 -26.35 31.58
C ALA O 22 24.78 -26.05 30.34
N ILE O 23 25.22 -26.59 29.22
CA ILE O 23 24.47 -26.57 27.94
C ILE O 23 23.03 -27.02 28.18
N ARG O 24 22.84 -28.08 28.98
CA ARG O 24 21.50 -28.67 29.20
C ARG O 24 20.66 -27.66 30.01
N GLN O 25 21.25 -27.03 31.03
CA GLN O 25 20.56 -25.99 31.84
C GLN O 25 20.21 -24.80 30.95
N ALA O 26 21.14 -24.43 30.05
CA ALA O 26 20.99 -23.32 29.08
C ALA O 26 19.83 -23.64 28.13
N GLY O 27 19.83 -24.82 27.50
CA GLY O 27 18.70 -25.28 26.66
C GLY O 27 17.37 -25.19 27.41
N GLN O 28 17.33 -25.57 28.68
CA GLN O 28 16.14 -25.45 29.55
C GLN O 28 15.76 -23.96 29.63
N GLU O 29 16.70 -23.06 29.95
CA GLU O 29 16.43 -21.60 30.01
C GLU O 29 15.84 -21.13 28.67
N MET O 30 16.43 -21.51 27.55
CA MET O 30 15.99 -21.12 26.19
C MET O 30 14.54 -21.57 25.97
N ILE O 31 14.12 -22.73 26.48
CA ILE O 31 12.71 -23.22 26.32
C ILE O 31 11.76 -22.31 27.12
N LEU O 32 12.15 -21.90 28.32
CA LEU O 32 11.35 -20.94 29.12
C LEU O 32 11.15 -19.69 28.25
N ALA O 33 12.22 -19.22 27.58
CA ALA O 33 12.21 -17.97 26.81
C ALA O 33 11.16 -18.08 25.71
N VAL O 34 11.22 -19.13 24.90
CA VAL O 34 10.33 -19.23 23.71
C VAL O 34 8.89 -19.45 24.17
N GLN O 35 8.66 -20.20 25.26
CA GLN O 35 7.29 -20.48 25.75
C GLN O 35 6.63 -19.17 26.21
N GLY O 36 7.38 -18.34 26.95
CA GLY O 36 6.94 -17.00 27.35
C GLY O 36 6.55 -16.15 26.13
N VAL O 37 7.41 -16.08 25.12
CA VAL O 37 7.02 -15.40 23.84
C VAL O 37 5.71 -16.05 23.39
N GLN O 38 5.64 -17.39 23.34
CA GLN O 38 4.41 -18.13 22.88
C GLN O 38 3.20 -17.76 23.74
N ASP O 39 3.35 -17.73 25.07
CA ASP O 39 2.26 -17.41 26.03
C ASP O 39 1.72 -16.02 25.73
N TYR O 40 2.61 -15.04 25.56
CA TYR O 40 2.30 -13.63 25.20
C TYR O 40 1.54 -13.57 23.86
N ILE O 41 1.93 -14.35 22.82
CA ILE O 41 1.19 -14.38 21.51
C ILE O 41 -0.21 -14.98 21.73
N ASN O 42 -0.31 -16.05 22.52
CA ASN O 42 -1.58 -16.77 22.82
C ASN O 42 -2.60 -15.82 23.47
N ASN O 43 -2.16 -15.05 24.46
CA ASN O 43 -3.01 -14.12 25.24
C ASN O 43 -3.18 -12.80 24.47
N ILE P 2 2.36 -8.00 28.60
CA ILE P 2 3.55 -7.61 27.76
C ILE P 2 4.74 -7.36 28.69
N GLU P 3 4.53 -6.74 29.85
CA GLU P 3 5.65 -6.27 30.72
C GLU P 3 6.26 -7.48 31.46
N GLU P 4 5.45 -8.53 31.68
CA GLU P 4 5.87 -9.78 32.34
C GLU P 4 6.66 -10.61 31.32
N GLU P 5 6.15 -10.66 30.08
CA GLU P 5 6.78 -11.35 28.93
C GLU P 5 8.18 -10.77 28.75
N ARG P 6 8.34 -9.45 28.81
CA ARG P 6 9.64 -8.77 28.61
C ARG P 6 10.59 -9.15 29.75
N LYS P 7 10.14 -9.06 31.02
CA LYS P 7 11.02 -9.32 32.20
C LYS P 7 11.62 -10.72 32.09
N LYS P 8 10.75 -11.70 31.81
CA LYS P 8 11.01 -13.13 32.06
C LYS P 8 11.81 -13.68 30.87
N VAL P 9 11.50 -13.28 29.63
CA VAL P 9 12.32 -13.67 28.45
C VAL P 9 13.73 -13.07 28.59
N GLU P 10 13.87 -11.81 28.98
CA GLU P 10 15.21 -11.19 29.09
C GLU P 10 15.99 -11.93 30.19
N GLU P 11 15.31 -12.49 31.20
CA GLU P 11 15.96 -13.18 32.35
C GLU P 11 16.43 -14.58 31.95
N ASN P 12 15.62 -15.27 31.14
CA ASN P 12 15.88 -16.63 30.62
C ASN P 12 17.11 -16.55 29.72
N LEU P 13 17.11 -15.61 28.78
CA LEU P 13 18.24 -15.40 27.81
C LEU P 13 19.52 -15.02 28.56
N LYS P 14 19.41 -14.32 29.69
CA LYS P 14 20.56 -13.87 30.52
C LYS P 14 21.19 -15.10 31.19
N LYS P 15 20.37 -15.96 31.78
CA LYS P 15 20.81 -17.22 32.46
C LYS P 15 21.35 -18.21 31.41
N ALA P 16 20.64 -18.38 30.28
CA ALA P 16 21.11 -19.15 29.11
C ALA P 16 22.55 -18.76 28.81
N GLU P 17 22.81 -17.45 28.75
CA GLU P 17 24.10 -16.91 28.28
C GLU P 17 25.15 -17.17 29.35
N GLU P 18 24.79 -17.03 30.64
CA GLU P 18 25.69 -17.36 31.78
C GLU P 18 26.04 -18.85 31.70
N LYS P 19 25.05 -19.71 31.46
CA LYS P 19 25.24 -21.17 31.39
C LYS P 19 26.22 -21.48 30.26
N LEU P 20 25.91 -21.03 29.05
CA LEU P 20 26.75 -21.31 27.88
C LEU P 20 28.20 -20.83 28.11
N LYS P 21 28.41 -19.72 28.84
CA LYS P 21 29.77 -19.16 29.07
C LYS P 21 30.50 -20.01 30.12
N LYS P 22 29.77 -20.44 31.15
CA LYS P 22 30.29 -21.44 32.10
C LYS P 22 30.71 -22.67 31.28
N ALA P 23 29.87 -23.09 30.33
CA ALA P 23 30.07 -24.32 29.53
C ALA P 23 31.41 -24.20 28.82
N GLU P 24 31.60 -23.07 28.12
CA GLU P 24 32.81 -22.84 27.30
C GLU P 24 34.05 -22.89 28.19
N GLU P 25 33.98 -22.29 29.39
CA GLU P 25 35.13 -22.22 30.33
C GLU P 25 35.43 -23.63 30.86
N LEU P 26 34.41 -24.40 31.24
CA LEU P 26 34.55 -25.84 31.63
C LEU P 26 35.14 -26.62 30.45
N LEU P 27 34.56 -26.46 29.26
CA LEU P 27 34.91 -27.31 28.09
C LEU P 27 36.37 -27.06 27.71
N LYS P 28 36.87 -25.84 27.94
CA LYS P 28 38.25 -25.47 27.59
C LYS P 28 39.19 -26.18 28.56
N LYS P 29 38.81 -26.30 29.83
CA LYS P 29 39.64 -26.93 30.90
C LYS P 29 39.90 -28.40 30.52
N SER P 30 38.84 -29.14 30.21
CA SER P 30 38.84 -30.53 29.66
C SER P 30 39.82 -30.65 28.49
N GLU P 31 39.87 -29.63 27.64
CA GLU P 31 40.80 -29.53 26.48
C GLU P 31 42.25 -29.41 26.99
N GLU P 32 42.49 -28.61 28.04
CA GLU P 32 43.85 -28.25 28.54
C GLU P 32 44.35 -29.37 29.46
N ILE P 33 43.45 -30.09 30.14
CA ILE P 33 43.81 -31.34 30.87
C ILE P 33 44.25 -32.38 29.83
N LEU P 34 43.43 -32.60 28.81
CA LEU P 34 43.58 -33.73 27.86
C LEU P 34 44.82 -33.55 26.97
N LYS P 35 45.34 -32.34 26.77
CA LYS P 35 46.49 -32.08 25.85
C LYS P 35 47.82 -32.36 26.58
N LYS P 36 47.80 -32.41 27.91
CA LYS P 36 48.95 -32.75 28.81
C LYS P 36 48.77 -34.15 29.38
N ASN Q 2 43.71 -52.50 34.42
CA ASN Q 2 43.60 -51.39 33.43
C ASN Q 2 42.48 -51.71 32.42
N SER Q 3 42.34 -52.97 32.02
CA SER Q 3 41.33 -53.41 31.00
C SER Q 3 39.89 -53.35 31.55
N GLN Q 4 39.68 -52.96 32.81
CA GLN Q 4 38.34 -52.66 33.39
C GLN Q 4 38.15 -51.14 33.47
N ALA Q 5 39.20 -50.40 33.87
CA ALA Q 5 39.22 -48.91 33.85
C ALA Q 5 38.90 -48.44 32.44
N ILE Q 6 39.30 -49.20 31.42
CA ILE Q 6 39.04 -48.89 29.99
C ILE Q 6 37.59 -49.27 29.63
N ASP Q 7 37.11 -50.45 30.01
CA ASP Q 7 35.71 -50.83 29.68
C ASP Q 7 34.83 -49.74 30.31
N ASN Q 8 35.18 -49.34 31.53
CA ASN Q 8 34.51 -48.27 32.30
C ASN Q 8 34.34 -47.04 31.42
N LEU Q 9 35.45 -46.37 31.08
CA LEU Q 9 35.46 -45.16 30.23
C LEU Q 9 34.59 -45.34 28.96
N ARG Q 10 34.89 -46.34 28.14
CA ARG Q 10 34.12 -46.65 26.90
C ARG Q 10 32.61 -46.61 27.20
N ALA Q 11 32.18 -47.24 28.29
CA ALA Q 11 30.76 -47.25 28.74
C ALA Q 11 30.32 -45.80 28.95
N SER Q 12 30.97 -45.09 29.88
CA SER Q 12 30.71 -43.67 30.21
C SER Q 12 30.63 -42.89 28.90
N LEU Q 13 31.68 -42.96 28.05
CA LEU Q 13 31.83 -42.06 26.88
C LEU Q 13 30.72 -42.30 25.86
N GLU Q 14 30.38 -43.57 25.56
CA GLU Q 14 29.17 -43.93 24.76
C GLU Q 14 27.96 -43.16 25.32
N THR Q 15 27.74 -43.24 26.63
CA THR Q 15 26.57 -42.65 27.34
C THR Q 15 26.64 -41.11 27.24
N THR Q 16 27.80 -40.50 27.53
CA THR Q 16 28.04 -39.05 27.33
C THR Q 16 27.74 -38.68 25.86
N ASN Q 17 28.12 -39.51 24.87
CA ASN Q 17 27.81 -39.26 23.44
C ASN Q 17 26.29 -39.18 23.25
N GLN Q 18 25.58 -40.13 23.84
CA GLN Q 18 24.11 -40.29 23.72
C GLN Q 18 23.45 -39.06 24.35
N ALA Q 19 23.96 -38.56 25.46
CA ALA Q 19 23.50 -37.30 26.09
C ALA Q 19 23.54 -36.19 25.04
N ILE Q 20 24.73 -35.97 24.48
CA ILE Q 20 25.03 -34.80 23.59
C ILE Q 20 24.09 -34.84 22.39
N GLU Q 21 23.75 -36.05 21.90
CA GLU Q 21 22.90 -36.25 20.68
C GLU Q 21 21.44 -35.85 21.01
N ALA Q 22 20.97 -36.17 22.22
CA ALA Q 22 19.64 -35.69 22.65
C ALA Q 22 19.66 -34.15 22.69
N ILE Q 23 20.65 -33.54 23.36
CA ILE Q 23 20.76 -32.05 23.45
C ILE Q 23 20.81 -31.50 22.02
N ARG Q 24 21.48 -32.22 21.12
CA ARG Q 24 21.54 -31.84 19.68
C ARG Q 24 20.13 -31.85 19.10
N GLN Q 25 19.38 -32.92 19.37
CA GLN Q 25 18.04 -33.12 18.74
C GLN Q 25 17.09 -32.05 19.28
N ALA Q 26 17.16 -31.75 20.59
CA ALA Q 26 16.51 -30.59 21.23
C ALA Q 26 16.84 -29.32 20.44
N GLY Q 27 18.13 -29.01 20.29
CA GLY Q 27 18.62 -27.89 19.46
C GLY Q 27 17.82 -27.75 18.18
N GLN Q 28 17.75 -28.81 17.37
CA GLN Q 28 17.05 -28.79 16.05
C GLN Q 28 15.57 -28.47 16.26
N GLU Q 29 14.96 -29.00 17.32
CA GLU Q 29 13.53 -28.75 17.62
C GLU Q 29 13.38 -27.29 18.09
N MET Q 30 14.30 -26.76 18.91
CA MET Q 30 14.25 -25.34 19.35
C MET Q 30 14.32 -24.41 18.14
N ILE Q 31 15.10 -24.78 17.13
CA ILE Q 31 15.23 -24.02 15.85
C ILE Q 31 13.87 -23.99 15.15
N LEU Q 32 13.16 -25.13 15.11
CA LEU Q 32 11.85 -25.23 14.40
C LEU Q 32 10.81 -24.34 15.11
N ALA Q 33 10.81 -24.30 16.43
CA ALA Q 33 9.90 -23.43 17.21
C ALA Q 33 10.19 -21.96 16.90
N VAL Q 34 11.45 -21.50 17.05
CA VAL Q 34 11.75 -20.05 16.84
C VAL Q 34 11.31 -19.70 15.41
N GLN Q 35 11.66 -20.55 14.44
CA GLN Q 35 11.39 -20.26 13.00
C GLN Q 35 9.89 -20.13 12.84
N GLY Q 36 9.15 -20.87 13.66
CA GLY Q 36 7.69 -20.88 13.68
C GLY Q 36 7.13 -19.57 14.17
N VAL Q 37 7.71 -19.04 15.23
CA VAL Q 37 7.33 -17.69 15.73
C VAL Q 37 7.65 -16.66 14.65
N GLN Q 38 8.87 -16.65 14.14
CA GLN Q 38 9.27 -15.70 13.08
C GLN Q 38 8.35 -15.88 11.87
N ASP Q 39 7.98 -17.10 11.47
CA ASP Q 39 7.21 -17.27 10.21
C ASP Q 39 5.90 -16.52 10.40
N TYR Q 40 5.36 -16.57 11.62
CA TYR Q 40 4.08 -15.97 12.01
C TYR Q 40 4.18 -14.45 11.96
N ILE Q 41 5.24 -13.88 12.58
CA ILE Q 41 5.60 -12.42 12.48
C ILE Q 41 5.77 -12.03 11.00
N ASN Q 42 6.71 -12.63 10.28
CA ASN Q 42 7.00 -12.34 8.85
C ASN Q 42 5.66 -12.17 8.11
N ASN Q 43 4.69 -13.06 8.38
CA ASN Q 43 3.42 -13.21 7.59
C ASN Q 43 2.35 -12.25 8.12
N ILE R 2 -2.30 -18.63 13.26
CA ILE R 2 -1.98 -18.81 14.70
C ILE R 2 -2.01 -20.30 15.07
N GLU R 3 -3.03 -21.00 14.59
CA GLU R 3 -3.27 -22.44 14.78
C GLU R 3 -2.04 -23.23 14.30
N GLU R 4 -1.46 -22.87 13.15
CA GLU R 4 -0.28 -23.55 12.53
C GLU R 4 1.01 -23.00 13.15
N GLU R 5 1.01 -21.78 13.66
CA GLU R 5 2.11 -21.32 14.55
C GLU R 5 2.09 -22.21 15.79
N ARG R 6 0.95 -22.33 16.45
CA ARG R 6 0.79 -23.11 17.71
C ARG R 6 1.29 -24.52 17.50
N LYS R 7 0.87 -25.16 16.40
CA LYS R 7 1.23 -26.56 16.09
C LYS R 7 2.74 -26.66 16.12
N LYS R 8 3.42 -26.02 15.17
CA LYS R 8 4.90 -25.96 15.08
C LYS R 8 5.50 -25.74 16.47
N VAL R 9 5.08 -24.70 17.20
CA VAL R 9 5.85 -24.17 18.36
C VAL R 9 5.65 -25.02 19.62
N GLU R 10 4.41 -25.30 20.03
CA GLU R 10 4.13 -26.11 21.25
CA GLU R 10 4.09 -26.12 21.24
C GLU R 10 4.58 -27.56 20.99
N GLU R 11 4.43 -28.04 19.75
CA GLU R 11 4.85 -29.41 19.32
C GLU R 11 6.38 -29.56 19.38
N ASN R 12 7.12 -28.56 18.87
CA ASN R 12 8.60 -28.54 18.84
C ASN R 12 9.17 -28.23 20.23
N LEU R 13 8.52 -27.37 21.01
CA LEU R 13 8.95 -27.11 22.42
C LEU R 13 8.69 -28.32 23.32
N LYS R 14 7.69 -29.16 23.03
CA LYS R 14 7.40 -30.37 23.84
C LYS R 14 8.45 -31.44 23.51
N LYS R 15 8.73 -31.69 22.23
CA LYS R 15 9.78 -32.66 21.80
C LYS R 15 11.10 -32.28 22.47
N ALA R 16 11.39 -30.98 22.48
CA ALA R 16 12.69 -30.46 22.96
C ALA R 16 12.78 -30.69 24.47
N GLU R 17 11.70 -30.48 25.22
CA GLU R 17 11.69 -30.69 26.71
C GLU R 17 11.99 -32.17 27.01
N GLU R 18 11.51 -33.08 26.16
CA GLU R 18 11.70 -34.56 26.31
C GLU R 18 13.19 -34.89 26.19
N LYS R 19 13.78 -34.43 25.07
CA LYS R 19 15.21 -34.65 24.74
C LYS R 19 16.09 -34.04 25.85
N LEU R 20 15.72 -32.92 26.46
CA LEU R 20 16.55 -32.34 27.55
C LEU R 20 16.39 -33.22 28.81
N LYS R 21 15.23 -33.88 29.01
CA LYS R 21 15.04 -34.81 30.16
C LYS R 21 15.88 -36.06 29.91
N LYS R 22 15.72 -36.65 28.72
CA LYS R 22 16.47 -37.84 28.27
C LYS R 22 17.97 -37.57 28.47
N ALA R 23 18.44 -36.38 28.09
CA ALA R 23 19.87 -35.98 28.16
C ALA R 23 20.32 -35.86 29.62
N GLU R 24 19.46 -35.37 30.51
CA GLU R 24 19.84 -35.17 31.93
C GLU R 24 20.00 -36.53 32.63
N GLU R 25 19.23 -37.54 32.22
CA GLU R 25 19.31 -38.92 32.78
C GLU R 25 20.62 -39.57 32.35
N LEU R 26 20.84 -39.67 31.03
CA LEU R 26 22.07 -40.18 30.36
C LEU R 26 23.31 -39.54 31.00
N LEU R 27 23.32 -38.21 31.12
CA LEU R 27 24.47 -37.47 31.65
C LEU R 27 24.74 -37.88 33.10
N LYS R 28 23.73 -38.37 33.83
CA LYS R 28 23.92 -38.81 35.24
C LYS R 28 24.39 -40.28 35.22
N LYS R 29 23.70 -41.15 34.45
CA LYS R 29 24.14 -42.50 34.07
C LYS R 29 25.67 -42.53 33.85
N SER R 30 26.24 -41.53 33.16
CA SER R 30 27.68 -41.43 32.79
C SER R 30 28.49 -40.92 33.97
N GLU R 31 27.95 -40.01 34.79
CA GLU R 31 28.61 -39.54 36.05
C GLU R 31 28.79 -40.75 36.98
N GLU R 32 27.71 -41.54 37.15
CA GLU R 32 27.64 -42.74 38.03
C GLU R 32 28.66 -43.78 37.55
N ILE R 33 28.46 -44.34 36.35
CA ILE R 33 29.42 -45.30 35.72
C ILE R 33 30.85 -44.78 35.96
N LEU R 34 31.21 -43.66 35.38
CA LEU R 34 32.59 -43.10 35.46
C LEU R 34 33.14 -43.23 36.89
N LYS R 35 32.34 -42.93 37.91
CA LYS R 35 32.73 -42.96 39.35
C LYS R 35 33.20 -44.37 39.77
N LYS R 36 32.49 -45.44 39.37
CA LYS R 36 32.77 -46.83 39.82
C LYS R 36 33.83 -47.48 38.92
N ASN S 2 -35.85 37.51 5.53
CA ASN S 2 -36.28 36.09 5.56
C ASN S 2 -36.05 35.42 4.19
N SER S 3 -35.93 36.21 3.12
CA SER S 3 -35.59 35.75 1.76
C SER S 3 -34.13 35.25 1.70
N GLN S 4 -33.17 36.17 1.92
CA GLN S 4 -31.72 35.93 1.77
C GLN S 4 -31.18 35.18 3.00
N ALA S 5 -31.67 35.47 4.21
CA ALA S 5 -31.30 34.77 5.46
C ALA S 5 -31.58 33.27 5.32
N ILE S 6 -32.68 32.90 4.66
CA ILE S 6 -32.98 31.46 4.35
C ILE S 6 -31.90 30.96 3.37
N ASP S 7 -31.38 31.81 2.49
CA ASP S 7 -30.48 31.34 1.39
C ASP S 7 -29.13 30.92 2.00
N ASN S 8 -28.67 31.66 3.02
CA ASN S 8 -27.55 31.29 3.92
C ASN S 8 -27.78 29.86 4.43
N LEU S 9 -28.91 29.64 5.11
CA LEU S 9 -29.23 28.34 5.78
C LEU S 9 -29.15 27.18 4.79
N ARG S 10 -29.70 27.34 3.58
CA ARG S 10 -29.75 26.27 2.56
C ARG S 10 -28.33 25.95 2.09
N ALA S 11 -27.49 26.98 2.03
CA ALA S 11 -26.12 26.95 1.47
C ALA S 11 -25.11 26.53 2.56
N SER S 12 -25.31 26.96 3.80
CA SER S 12 -24.59 26.40 4.96
C SER S 12 -24.84 24.89 4.99
N LEU S 13 -26.10 24.47 4.97
CA LEU S 13 -26.50 23.05 5.16
C LEU S 13 -26.02 22.18 4.00
N GLU S 14 -25.94 22.73 2.80
CA GLU S 14 -25.44 21.98 1.61
C GLU S 14 -23.95 21.71 1.88
N THR S 15 -23.20 22.75 2.28
CA THR S 15 -21.78 22.69 2.69
C THR S 15 -21.62 21.67 3.83
N THR S 16 -22.47 21.73 4.86
CA THR S 16 -22.33 20.89 6.08
C THR S 16 -22.50 19.43 5.67
N ASN S 17 -23.46 19.15 4.79
CA ASN S 17 -23.73 17.80 4.21
C ASN S 17 -22.47 17.28 3.49
N GLN S 18 -21.75 18.13 2.75
CA GLN S 18 -20.53 17.73 2.03
C GLN S 18 -19.45 17.35 3.07
N ALA S 19 -19.27 18.18 4.11
CA ALA S 19 -18.38 17.93 5.26
C ALA S 19 -18.61 16.52 5.86
N ILE S 20 -19.85 16.22 6.23
CA ILE S 20 -20.21 14.90 6.84
C ILE S 20 -19.88 13.80 5.83
N GLU S 21 -20.21 14.00 4.56
CA GLU S 21 -19.89 13.00 3.51
C GLU S 21 -18.38 12.69 3.53
N ALA S 22 -17.54 13.70 3.63
CA ALA S 22 -16.07 13.58 3.71
C ALA S 22 -15.64 12.77 4.95
N ILE S 23 -16.19 13.09 6.13
CA ILE S 23 -15.93 12.32 7.38
C ILE S 23 -16.37 10.86 7.14
N ARG S 24 -17.51 10.63 6.53
CA ARG S 24 -17.98 9.24 6.30
C ARG S 24 -16.91 8.49 5.51
N GLN S 25 -16.38 9.09 4.44
CA GLN S 25 -15.43 8.39 3.53
C GLN S 25 -14.14 8.11 4.30
N ALA S 26 -13.61 9.11 5.01
CA ALA S 26 -12.54 9.01 6.01
C ALA S 26 -12.76 7.77 6.90
N GLY S 27 -14.00 7.59 7.38
CA GLY S 27 -14.37 6.43 8.19
C GLY S 27 -14.13 5.12 7.48
N GLN S 28 -14.67 4.95 6.26
CA GLN S 28 -14.48 3.73 5.42
C GLN S 28 -12.98 3.48 5.26
N GLU S 29 -12.18 4.53 5.12
CA GLU S 29 -10.72 4.36 4.95
C GLU S 29 -10.09 3.85 6.27
N MET S 30 -10.44 4.47 7.40
CA MET S 30 -9.90 4.09 8.74
C MET S 30 -10.26 2.64 9.04
N ILE S 31 -11.44 2.18 8.65
CA ILE S 31 -11.86 0.75 8.79
C ILE S 31 -10.92 -0.15 7.98
N LEU S 32 -10.50 0.27 6.79
CA LEU S 32 -9.68 -0.56 5.88
C LEU S 32 -8.25 -0.67 6.44
N ALA S 33 -7.68 0.42 6.96
CA ALA S 33 -6.37 0.44 7.63
C ALA S 33 -6.39 -0.51 8.85
N VAL S 34 -7.43 -0.50 9.68
CA VAL S 34 -7.49 -1.35 10.91
C VAL S 34 -7.65 -2.81 10.47
N GLN S 35 -8.44 -3.11 9.44
CA GLN S 35 -8.54 -4.49 8.91
C GLN S 35 -7.15 -4.96 8.48
N GLY S 36 -6.36 -4.06 7.90
CA GLY S 36 -5.03 -4.37 7.35
C GLY S 36 -4.09 -4.84 8.46
N VAL S 37 -4.15 -4.14 9.59
CA VAL S 37 -3.34 -4.47 10.81
C VAL S 37 -3.78 -5.86 11.31
N GLN S 38 -5.08 -6.06 11.54
CA GLN S 38 -5.62 -7.36 12.03
C GLN S 38 -5.24 -8.47 11.04
N ASP S 39 -5.49 -8.31 9.74
CA ASP S 39 -5.06 -9.28 8.70
C ASP S 39 -3.62 -9.75 8.98
N TYR S 40 -2.69 -8.86 9.28
CA TYR S 40 -1.25 -9.17 9.45
C TYR S 40 -1.01 -9.91 10.79
N ILE S 41 -1.70 -9.50 11.86
CA ILE S 41 -1.76 -10.21 13.18
C ILE S 41 -2.31 -11.62 12.95
N ASN S 42 -3.45 -11.73 12.25
CA ASN S 42 -4.15 -13.01 11.95
C ASN S 42 -3.21 -13.96 11.20
N ASN S 43 -2.38 -13.45 10.28
CA ASN S 43 -1.74 -14.28 9.22
C ASN S 43 -0.30 -14.65 9.58
N ILE T 2 4.59 -7.81 5.38
CA ILE T 2 4.77 -6.40 5.83
C ILE T 2 4.61 -5.48 4.62
N GLU T 3 4.93 -5.97 3.43
CA GLU T 3 4.79 -5.23 2.15
C GLU T 3 3.31 -4.90 1.92
N GLU T 4 2.46 -5.93 1.86
CA GLU T 4 1.00 -5.75 1.61
C GLU T 4 0.39 -4.96 2.78
N GLU T 5 0.91 -5.15 4.00
CA GLU T 5 0.34 -4.56 5.23
C GLU T 5 0.50 -3.04 5.19
N ARG T 6 1.71 -2.54 4.89
CA ARG T 6 2.05 -1.09 4.82
C ARG T 6 1.17 -0.42 3.76
N LYS T 7 1.08 -1.04 2.57
CA LYS T 7 0.23 -0.56 1.45
C LYS T 7 -1.17 -0.26 2.01
N LYS T 8 -1.94 -1.29 2.38
CA LYS T 8 -3.30 -1.19 2.99
C LYS T 8 -3.37 -0.08 4.04
N VAL T 9 -2.43 -0.03 5.00
CA VAL T 9 -2.56 0.84 6.20
C VAL T 9 -2.14 2.27 5.84
N GLU T 10 -0.92 2.48 5.37
CA GLU T 10 -0.39 3.83 5.12
C GLU T 10 -1.14 4.50 3.96
N GLU T 11 -1.75 3.77 3.02
CA GLU T 11 -2.47 4.44 1.91
C GLU T 11 -3.92 4.76 2.33
N ASN T 12 -4.58 3.96 3.18
CA ASN T 12 -5.94 4.31 3.68
C ASN T 12 -5.85 5.41 4.74
N LEU T 13 -4.82 5.44 5.59
CA LEU T 13 -4.64 6.54 6.57
C LEU T 13 -4.37 7.84 5.80
N LYS T 14 -3.44 7.78 4.84
CA LYS T 14 -3.10 8.91 3.93
C LYS T 14 -4.40 9.56 3.45
N LYS T 15 -5.32 8.78 2.88
CA LYS T 15 -6.60 9.25 2.28
C LYS T 15 -7.58 9.71 3.37
N ALA T 16 -7.54 9.13 4.58
CA ALA T 16 -8.43 9.50 5.70
C ALA T 16 -8.03 10.88 6.21
N GLU T 17 -6.73 11.15 6.31
CA GLU T 17 -6.26 12.49 6.73
C GLU T 17 -6.67 13.52 5.67
N GLU T 18 -6.53 13.19 4.38
CA GLU T 18 -6.95 14.06 3.26
C GLU T 18 -8.42 14.43 3.52
N LYS T 19 -9.27 13.41 3.60
CA LYS T 19 -10.73 13.55 3.81
C LYS T 19 -11.03 14.35 5.08
N LEU T 20 -10.25 14.24 6.15
CA LEU T 20 -10.56 15.01 7.40
C LEU T 20 -10.05 16.45 7.27
N LYS T 21 -9.08 16.71 6.39
CA LYS T 21 -8.63 18.10 6.11
C LYS T 21 -9.72 18.80 5.27
N LYS T 22 -10.28 18.15 4.23
CA LYS T 22 -11.40 18.71 3.42
C LYS T 22 -12.56 19.06 4.36
N ALA T 23 -13.04 18.09 5.15
CA ALA T 23 -14.15 18.25 6.13
C ALA T 23 -13.88 19.50 6.98
N GLU T 24 -12.67 19.64 7.50
CA GLU T 24 -12.25 20.84 8.29
C GLU T 24 -12.55 22.10 7.46
N GLU T 25 -12.16 22.13 6.19
CA GLU T 25 -12.28 23.35 5.34
C GLU T 25 -13.74 23.61 4.99
N LEU T 26 -14.49 22.58 4.56
CA LEU T 26 -15.95 22.70 4.33
C LEU T 26 -16.67 23.23 5.58
N LEU T 27 -16.36 22.71 6.77
CA LEU T 27 -17.02 23.15 8.01
C LEU T 27 -16.76 24.65 8.18
N LYS T 28 -15.53 25.11 7.92
CA LYS T 28 -15.15 26.52 8.14
C LYS T 28 -15.84 27.38 7.06
N LYS T 29 -16.12 26.79 5.91
CA LYS T 29 -16.90 27.42 4.81
C LYS T 29 -18.37 27.52 5.22
N SER T 30 -18.91 26.52 5.95
CA SER T 30 -20.31 26.51 6.43
C SER T 30 -20.47 27.49 7.59
N GLU T 31 -19.40 27.72 8.36
CA GLU T 31 -19.49 28.57 9.56
C GLU T 31 -19.54 30.03 9.12
N GLU T 32 -18.70 30.41 8.14
CA GLU T 32 -18.59 31.82 7.65
C GLU T 32 -19.87 32.20 6.91
N ILE T 33 -20.43 31.27 6.13
CA ILE T 33 -21.67 31.51 5.32
CA ILE T 33 -21.68 31.46 5.32
C ILE T 33 -22.87 31.73 6.26
N LEU T 34 -22.96 30.97 7.37
CA LEU T 34 -24.01 31.15 8.40
C LEU T 34 -23.92 32.56 8.97
N LYS T 35 -22.69 33.00 9.27
CA LYS T 35 -22.37 34.21 10.08
C LYS T 35 -22.58 35.46 9.23
N LYS T 36 -22.36 35.39 7.92
CA LYS T 36 -22.64 36.54 7.01
C LYS T 36 -24.13 36.47 6.60
N ASN U 2 -41.81 31.74 2.52
CA ASN U 2 -40.89 31.65 3.70
C ASN U 2 -41.61 30.90 4.83
N SER U 3 -41.88 29.60 4.66
CA SER U 3 -42.71 28.79 5.59
C SER U 3 -42.60 27.29 5.25
N GLN U 4 -43.11 26.90 4.08
CA GLN U 4 -42.99 25.53 3.53
C GLN U 4 -41.51 25.26 3.21
N ALA U 5 -40.71 26.33 3.01
CA ALA U 5 -39.24 26.30 2.80
C ALA U 5 -38.49 26.15 4.13
N ILE U 6 -38.91 26.90 5.16
CA ILE U 6 -38.39 26.74 6.54
C ILE U 6 -38.71 25.32 7.04
N ASP U 7 -39.91 24.81 6.77
CA ASP U 7 -40.34 23.43 7.14
C ASP U 7 -39.61 22.40 6.25
N ASN U 8 -38.90 22.85 5.22
CA ASN U 8 -38.04 21.99 4.35
C ASN U 8 -36.61 21.89 4.92
N LEU U 9 -36.02 23.03 5.29
CA LEU U 9 -34.69 23.12 5.94
C LEU U 9 -34.68 22.28 7.22
N ARG U 10 -35.67 22.52 8.09
CA ARG U 10 -35.95 21.75 9.33
C ARG U 10 -35.89 20.23 9.00
N ALA U 11 -36.63 19.78 8.00
CA ALA U 11 -36.73 18.35 7.62
C ALA U 11 -35.34 17.82 7.25
N SER U 12 -34.62 18.57 6.42
CA SER U 12 -33.22 18.32 5.99
C SER U 12 -32.31 18.17 7.21
N LEU U 13 -32.31 19.19 8.09
CA LEU U 13 -31.42 19.31 9.27
C LEU U 13 -31.76 18.24 10.33
N GLU U 14 -33.02 17.81 10.44
CA GLU U 14 -33.40 16.71 11.36
C GLU U 14 -32.76 15.43 10.83
N THR U 15 -32.72 15.29 9.51
CA THR U 15 -32.21 14.09 8.81
C THR U 15 -30.68 14.10 8.86
N THR U 16 -30.07 15.30 8.76
CA THR U 16 -28.59 15.47 8.80
C THR U 16 -28.11 14.99 10.16
N ASN U 17 -28.74 15.53 11.19
CA ASN U 17 -28.58 15.13 12.61
C ASN U 17 -28.58 13.61 12.74
N GLN U 18 -29.45 12.90 12.02
CA GLN U 18 -29.53 11.41 12.09
C GLN U 18 -28.29 10.80 11.43
N ALA U 19 -27.92 11.27 10.23
CA ALA U 19 -26.70 10.83 9.51
C ALA U 19 -25.48 10.92 10.44
N ILE U 20 -25.31 12.07 11.10
CA ILE U 20 -24.23 12.35 12.09
C ILE U 20 -24.26 11.34 13.26
N GLU U 21 -25.44 10.93 13.74
CA GLU U 21 -25.56 10.06 14.93
C GLU U 21 -25.03 8.67 14.53
N ALA U 22 -25.32 8.25 13.31
CA ALA U 22 -24.83 6.98 12.72
C ALA U 22 -23.31 7.04 12.57
N ILE U 23 -22.77 8.23 12.22
CA ILE U 23 -21.31 8.44 12.08
C ILE U 23 -20.63 8.51 13.45
N ARG U 24 -21.23 9.19 14.42
CA ARG U 24 -20.79 9.12 15.85
C ARG U 24 -20.74 7.62 16.24
N GLN U 25 -21.75 6.86 15.87
CA GLN U 25 -21.86 5.47 16.40
C GLN U 25 -20.75 4.61 15.76
N ALA U 26 -20.45 4.79 14.48
CA ALA U 26 -19.33 4.08 13.82
C ALA U 26 -18.00 4.46 14.49
N GLY U 27 -17.85 5.73 14.91
CA GLY U 27 -16.65 6.22 15.66
C GLY U 27 -16.39 5.41 16.92
N GLN U 28 -17.46 5.08 17.66
CA GLN U 28 -17.38 4.36 18.95
C GLN U 28 -16.98 2.91 18.62
N GLU U 29 -17.51 2.37 17.53
CA GLU U 29 -17.19 0.99 17.11
C GLU U 29 -15.73 0.94 16.65
N MET U 30 -15.28 2.00 15.97
CA MET U 30 -13.87 2.10 15.49
C MET U 30 -12.92 2.24 16.68
N ILE U 31 -13.31 2.95 17.75
CA ILE U 31 -12.45 3.10 18.96
C ILE U 31 -12.23 1.70 19.53
N LEU U 32 -13.31 0.93 19.64
CA LEU U 32 -13.27 -0.42 20.26
C LEU U 32 -12.32 -1.29 19.44
N ALA U 33 -12.47 -1.28 18.12
CA ALA U 33 -11.67 -2.08 17.18
C ALA U 33 -10.19 -1.80 17.42
N VAL U 34 -9.78 -0.54 17.57
CA VAL U 34 -8.33 -0.23 17.72
C VAL U 34 -7.84 -0.72 19.09
N GLN U 35 -8.61 -0.45 20.14
CA GLN U 35 -8.43 -1.03 21.51
C GLN U 35 -8.14 -2.54 21.38
N GLY U 36 -9.02 -3.27 20.68
CA GLY U 36 -8.91 -4.71 20.38
C GLY U 36 -7.53 -5.08 19.85
N VAL U 37 -6.94 -4.23 19.01
CA VAL U 37 -5.56 -4.44 18.49
C VAL U 37 -4.56 -4.13 19.61
N GLN U 38 -4.64 -2.96 20.25
CA GLN U 38 -3.78 -2.61 21.42
C GLN U 38 -3.84 -3.70 22.51
N ASP U 39 -4.98 -4.38 22.70
CA ASP U 39 -5.16 -5.50 23.68
C ASP U 39 -4.27 -6.68 23.33
N TYR U 40 -4.25 -7.14 22.08
CA TYR U 40 -3.30 -8.18 21.60
C TYR U 40 -1.88 -7.75 21.99
N ILE U 41 -1.51 -6.48 21.75
CA ILE U 41 -0.12 -5.98 22.00
C ILE U 41 0.13 -5.93 23.51
N ASN U 42 -0.83 -5.46 24.30
CA ASN U 42 -0.76 -5.37 25.78
C ASN U 42 -0.70 -6.76 26.46
N ASN U 43 -1.31 -7.82 25.94
CA ASN U 43 -1.52 -9.06 26.74
C ASN U 43 -0.85 -10.29 26.11
N ILE V 2 -6.16 -14.39 22.04
CA ILE V 2 -5.98 -13.89 20.64
C ILE V 2 -7.25 -14.09 19.82
N GLU V 3 -7.97 -15.22 19.97
CA GLU V 3 -9.23 -15.53 19.23
C GLU V 3 -10.32 -14.54 19.63
N GLU V 4 -10.32 -14.06 20.90
CA GLU V 4 -11.32 -13.06 21.38
C GLU V 4 -10.96 -11.65 20.85
N GLU V 5 -9.70 -11.20 21.05
CA GLU V 5 -9.20 -9.93 20.45
CA GLU V 5 -9.12 -9.98 20.41
C GLU V 5 -9.63 -9.87 18.97
N ARG V 6 -9.45 -10.94 18.21
CA ARG V 6 -9.91 -10.98 16.79
C ARG V 6 -11.41 -10.67 16.71
N LYS V 7 -12.27 -11.48 17.32
CA LYS V 7 -13.75 -11.26 17.24
C LYS V 7 -14.01 -9.80 17.59
N LYS V 8 -13.41 -9.28 18.67
CA LYS V 8 -13.62 -7.89 19.15
C LYS V 8 -13.29 -6.86 18.04
N VAL V 9 -12.16 -7.03 17.36
CA VAL V 9 -11.75 -6.12 16.24
C VAL V 9 -12.74 -6.30 15.09
N GLU V 10 -12.93 -7.52 14.62
CA GLU V 10 -13.60 -7.82 13.33
C GLU V 10 -15.12 -7.65 13.47
N GLU V 11 -15.69 -7.78 14.67
CA GLU V 11 -17.15 -7.57 14.87
CA GLU V 11 -17.14 -7.57 14.89
C GLU V 11 -17.41 -6.06 14.92
N ASN V 12 -16.50 -5.29 15.54
CA ASN V 12 -16.62 -3.81 15.67
C ASN V 12 -16.44 -3.15 14.29
N LEU V 13 -15.53 -3.63 13.43
CA LEU V 13 -15.38 -3.07 12.04
C LEU V 13 -16.63 -3.35 11.21
N LYS V 14 -17.13 -4.58 11.27
CA LYS V 14 -18.39 -5.04 10.62
C LYS V 14 -19.49 -4.04 10.98
N LYS V 15 -19.72 -3.77 12.27
CA LYS V 15 -20.81 -2.86 12.71
C LYS V 15 -20.52 -1.41 12.26
N ALA V 16 -19.28 -0.94 12.33
CA ALA V 16 -18.89 0.41 11.88
C ALA V 16 -19.17 0.54 10.38
N GLU V 17 -18.91 -0.51 9.59
CA GLU V 17 -19.30 -0.61 8.16
C GLU V 17 -20.83 -0.39 8.01
N GLU V 18 -21.67 -1.13 8.76
CA GLU V 18 -23.16 -0.99 8.64
C GLU V 18 -23.58 0.45 8.96
N LYS V 19 -23.17 0.96 10.12
CA LYS V 19 -23.49 2.35 10.55
C LYS V 19 -23.07 3.36 9.47
N LEU V 20 -21.89 3.21 8.86
CA LEU V 20 -21.35 4.18 7.89
C LEU V 20 -22.20 4.16 6.62
N LYS V 21 -22.55 2.97 6.10
CA LYS V 21 -23.42 2.81 4.90
C LYS V 21 -24.84 3.25 5.30
N LYS V 22 -25.25 3.08 6.57
CA LYS V 22 -26.54 3.62 7.10
C LYS V 22 -26.49 5.15 7.05
N ALA V 23 -25.35 5.73 7.46
CA ALA V 23 -25.11 7.19 7.43
C ALA V 23 -25.20 7.69 5.98
N GLU V 24 -24.61 6.95 5.03
CA GLU V 24 -24.67 7.26 3.57
C GLU V 24 -26.12 7.51 3.15
N GLU V 25 -27.02 6.58 3.48
CA GLU V 25 -28.46 6.61 3.12
C GLU V 25 -29.04 7.95 3.58
N LEU V 26 -28.95 8.25 4.88
CA LEU V 26 -29.57 9.47 5.44
C LEU V 26 -28.98 10.71 4.76
N LEU V 27 -27.67 10.78 4.54
CA LEU V 27 -27.03 11.98 3.94
C LEU V 27 -27.67 12.24 2.56
N LYS V 28 -27.82 11.22 1.71
CA LYS V 28 -28.42 11.37 0.37
C LYS V 28 -29.86 11.84 0.56
N LYS V 29 -30.62 11.16 1.42
CA LYS V 29 -32.02 11.52 1.74
C LYS V 29 -32.06 13.01 2.12
N SER V 30 -31.10 13.48 2.91
CA SER V 30 -31.01 14.91 3.29
C SER V 30 -30.65 15.75 2.05
N GLU V 31 -29.83 15.22 1.13
CA GLU V 31 -29.52 15.96 -0.11
C GLU V 31 -30.83 16.16 -0.88
N GLU V 32 -31.53 15.05 -1.17
CA GLU V 32 -32.80 15.00 -1.94
C GLU V 32 -33.84 15.96 -1.33
N ILE V 33 -34.26 15.76 -0.07
CA ILE V 33 -35.18 16.71 0.64
C ILE V 33 -34.80 18.16 0.29
N LEU V 34 -33.50 18.47 0.39
CA LEU V 34 -33.01 19.87 0.39
C LEU V 34 -33.25 20.49 -0.98
N LYS V 35 -32.93 19.73 -2.05
CA LYS V 35 -33.14 20.11 -3.47
C LYS V 35 -34.62 20.43 -3.70
N LYS V 36 -35.52 19.51 -3.33
CA LYS V 36 -36.98 19.55 -3.62
C LYS V 36 -37.66 20.58 -2.71
N ASN W 2 -41.56 33.15 11.39
CA ASN W 2 -40.56 33.17 10.28
C ASN W 2 -39.20 33.63 10.84
N SER W 3 -39.09 34.85 11.39
CA SER W 3 -37.84 35.35 12.03
C SER W 3 -37.42 34.42 13.18
N GLN W 4 -38.38 33.94 13.98
CA GLN W 4 -38.17 33.03 15.16
C GLN W 4 -37.63 31.68 14.68
N ALA W 5 -38.37 30.98 13.81
CA ALA W 5 -38.01 29.68 13.21
C ALA W 5 -36.62 29.77 12.57
N ILE W 6 -36.26 30.96 12.09
CA ILE W 6 -34.95 31.20 11.41
C ILE W 6 -33.86 31.21 12.47
N ASP W 7 -34.03 31.96 13.55
CA ASP W 7 -33.09 31.98 14.69
C ASP W 7 -32.98 30.56 15.25
N ASN W 8 -34.08 29.82 15.26
CA ASN W 8 -34.14 28.41 15.75
C ASN W 8 -33.24 27.53 14.87
N LEU W 9 -33.35 27.65 13.54
CA LEU W 9 -32.61 26.78 12.58
C LEU W 9 -31.12 27.12 12.65
N ARG W 10 -30.79 28.41 12.69
CA ARG W 10 -29.40 28.92 12.77
C ARG W 10 -28.72 28.37 14.03
N ALA W 11 -29.43 28.30 15.15
CA ALA W 11 -28.86 27.89 16.46
C ALA W 11 -28.57 26.39 16.41
N SER W 12 -29.45 25.61 15.77
CA SER W 12 -29.43 24.14 15.59
C SER W 12 -28.26 23.71 14.71
N LEU W 13 -28.01 24.47 13.65
CA LEU W 13 -26.98 24.21 12.60
C LEU W 13 -25.61 24.65 13.11
N GLU W 14 -25.52 25.73 13.88
CA GLU W 14 -24.23 26.11 14.52
C GLU W 14 -23.83 24.99 15.47
N THR W 15 -24.81 24.30 16.06
CA THR W 15 -24.59 23.22 17.06
C THR W 15 -24.34 21.89 16.33
N THR W 16 -25.04 21.62 15.22
CA THR W 16 -24.75 20.46 14.35
C THR W 16 -23.30 20.59 13.85
N ASN W 17 -22.87 21.79 13.48
CA ASN W 17 -21.50 22.07 12.97
C ASN W 17 -20.50 21.83 14.11
N GLN W 18 -20.82 22.21 15.35
CA GLN W 18 -19.91 21.96 16.50
C GLN W 18 -19.81 20.44 16.69
N ALA W 19 -20.93 19.71 16.63
CA ALA W 19 -20.93 18.24 16.76
C ALA W 19 -20.02 17.61 15.71
N ILE W 20 -20.09 18.09 14.47
CA ILE W 20 -19.33 17.49 13.33
C ILE W 20 -17.84 17.66 13.59
N GLU W 21 -17.45 18.84 14.08
CA GLU W 21 -16.04 19.18 14.35
C GLU W 21 -15.51 18.26 15.46
N ALA W 22 -16.27 18.03 16.53
CA ALA W 22 -15.84 17.09 17.58
C ALA W 22 -15.61 15.73 16.94
N ILE W 23 -16.52 15.28 16.06
CA ILE W 23 -16.37 14.00 15.31
C ILE W 23 -15.17 14.07 14.38
N ARG W 24 -14.97 15.16 13.67
CA ARG W 24 -13.73 15.32 12.87
C ARG W 24 -12.53 15.07 13.77
N GLN W 25 -12.50 15.69 14.95
CA GLN W 25 -11.30 15.65 15.82
C GLN W 25 -11.13 14.24 16.41
N ALA W 26 -12.23 13.54 16.69
CA ALA W 26 -12.15 12.12 17.10
C ALA W 26 -11.45 11.32 16.00
N GLY W 27 -11.82 11.54 14.74
CA GLY W 27 -11.21 10.86 13.58
C GLY W 27 -9.72 11.09 13.52
N GLN W 28 -9.27 12.31 13.85
CA GLN W 28 -7.85 12.72 13.82
C GLN W 28 -7.10 11.91 14.87
N GLU W 29 -7.67 11.77 16.07
CA GLU W 29 -7.03 10.99 17.18
C GLU W 29 -6.98 9.52 16.78
N MET W 30 -8.04 8.99 16.17
CA MET W 30 -8.11 7.57 15.75
C MET W 30 -6.95 7.31 14.77
N ILE W 31 -6.70 8.22 13.84
CA ILE W 31 -5.58 8.09 12.86
C ILE W 31 -4.24 8.10 13.61
N LEU W 32 -4.00 9.01 14.55
CA LEU W 32 -2.74 8.96 15.35
C LEU W 32 -2.60 7.59 16.01
N ALA W 33 -3.65 7.12 16.67
CA ALA W 33 -3.64 5.78 17.32
C ALA W 33 -3.18 4.71 16.31
N VAL W 34 -3.79 4.62 15.14
CA VAL W 34 -3.41 3.52 14.20
C VAL W 34 -1.98 3.74 13.70
N GLN W 35 -1.52 4.98 13.53
CA GLN W 35 -0.15 5.26 13.05
CA GLN W 35 -0.15 5.29 13.06
C GLN W 35 0.81 4.80 14.15
N GLY W 36 0.41 5.00 15.41
CA GLY W 36 1.21 4.56 16.57
C GLY W 36 1.49 3.06 16.49
N VAL W 37 0.48 2.25 16.15
CA VAL W 37 0.61 0.78 16.04
C VAL W 37 1.54 0.46 14.88
N GLN W 38 1.30 1.01 13.68
CA GLN W 38 2.14 0.83 12.46
C GLN W 38 3.59 1.27 12.70
N ASP W 39 3.82 2.38 13.40
CA ASP W 39 5.20 2.82 13.73
C ASP W 39 5.87 1.72 14.56
N TYR W 40 5.10 0.99 15.38
CA TYR W 40 5.58 -0.07 16.29
C TYR W 40 5.86 -1.35 15.48
N ILE W 41 4.92 -1.78 14.64
CA ILE W 41 5.16 -2.94 13.73
C ILE W 41 6.40 -2.63 12.87
N ASN W 42 6.53 -1.42 12.33
CA ASN W 42 7.68 -1.03 11.47
C ASN W 42 8.99 -1.12 12.27
N ASN W 43 8.99 -0.69 13.53
CA ASN W 43 10.20 -0.69 14.40
C ASN W 43 10.49 -2.12 14.84
N ILE X 2 8.01 0.05 23.04
CA ILE X 2 6.69 -0.57 23.41
C ILE X 2 6.00 0.30 24.46
N GLU X 3 6.77 0.90 25.38
CA GLU X 3 6.27 1.85 26.42
C GLU X 3 5.68 3.09 25.74
N GLU X 4 6.38 3.66 24.73
CA GLU X 4 5.89 4.86 23.99
C GLU X 4 4.62 4.53 23.20
N GLU X 5 4.59 3.40 22.50
CA GLU X 5 3.43 2.93 21.68
C GLU X 5 2.21 2.77 22.59
N ARG X 6 2.35 2.13 23.75
CA ARG X 6 1.19 1.89 24.64
CA ARG X 6 1.20 1.89 24.64
C ARG X 6 0.64 3.27 25.04
N LYS X 7 1.53 4.18 25.47
CA LYS X 7 1.17 5.56 25.92
C LYS X 7 0.53 6.33 24.76
N LYS X 8 1.20 6.47 23.62
CA LYS X 8 0.61 7.15 22.44
C LYS X 8 -0.83 6.67 22.22
N VAL X 9 -1.03 5.37 21.97
CA VAL X 9 -2.31 4.78 21.46
C VAL X 9 -3.40 4.88 22.52
N GLU X 10 -3.06 4.68 23.79
CA GLU X 10 -4.07 4.75 24.88
C GLU X 10 -4.49 6.23 25.03
N GLU X 11 -3.60 7.20 24.79
CA GLU X 11 -3.97 8.62 24.98
CA GLU X 11 -3.86 8.65 24.90
C GLU X 11 -4.79 9.10 23.77
N ASN X 12 -4.42 8.71 22.54
CA ASN X 12 -5.23 9.00 21.33
C ASN X 12 -6.65 8.43 21.53
N LEU X 13 -6.81 7.17 21.98
CA LEU X 13 -8.17 6.56 22.07
C LEU X 13 -8.98 7.20 23.19
N LYS X 14 -8.32 7.68 24.24
CA LYS X 14 -8.96 8.47 25.35
C LYS X 14 -9.57 9.74 24.74
N LYS X 15 -8.77 10.51 24.00
CA LYS X 15 -9.17 11.80 23.37
C LYS X 15 -10.29 11.60 22.34
N ALA X 16 -10.18 10.57 21.50
CA ALA X 16 -11.25 10.09 20.57
C ALA X 16 -12.57 9.89 21.31
N GLU X 17 -12.55 9.15 22.42
CA GLU X 17 -13.78 8.76 23.20
C GLU X 17 -14.43 10.07 23.70
N GLU X 18 -13.61 10.98 24.23
CA GLU X 18 -14.03 12.27 24.81
C GLU X 18 -14.81 13.04 23.75
N LYS X 19 -14.19 13.20 22.57
CA LYS X 19 -14.74 14.00 21.44
C LYS X 19 -16.08 13.42 21.00
N LEU X 20 -16.16 12.11 20.80
CA LEU X 20 -17.43 11.43 20.41
C LEU X 20 -18.52 11.67 21.47
N LYS X 21 -18.14 11.66 22.76
CA LYS X 21 -19.04 11.97 23.91
C LYS X 21 -19.47 13.43 23.79
N LYS X 22 -18.53 14.34 23.60
CA LYS X 22 -18.86 15.76 23.36
C LYS X 22 -19.75 15.89 22.11
N ALA X 23 -19.50 15.13 21.05
CA ALA X 23 -20.34 15.14 19.82
C ALA X 23 -21.78 14.77 20.21
N GLU X 24 -21.99 13.69 20.98
CA GLU X 24 -23.35 13.21 21.32
C GLU X 24 -24.11 14.33 22.04
N GLU X 25 -23.47 15.04 22.97
CA GLU X 25 -24.16 16.06 23.82
C GLU X 25 -24.50 17.26 22.94
N LEU X 26 -23.58 17.70 22.07
CA LEU X 26 -23.90 18.75 21.06
C LEU X 26 -25.02 18.27 20.13
N LEU X 27 -25.03 17.00 19.75
CA LEU X 27 -25.98 16.47 18.74
C LEU X 27 -27.37 16.26 19.36
N LYS X 28 -27.47 16.08 20.68
CA LYS X 28 -28.75 15.95 21.41
C LYS X 28 -29.34 17.35 21.60
N LYS X 29 -28.46 18.30 21.93
CA LYS X 29 -28.79 19.73 22.18
C LYS X 29 -29.39 20.34 20.92
N SER X 30 -28.75 20.10 19.76
CA SER X 30 -29.25 20.49 18.42
C SER X 30 -30.67 19.92 18.30
N GLU X 31 -30.80 18.60 18.25
CA GLU X 31 -32.10 17.86 18.14
C GLU X 31 -33.17 18.57 18.98
N GLU X 32 -32.85 18.99 20.20
CA GLU X 32 -33.83 19.52 21.19
C GLU X 32 -34.07 21.02 21.00
N ILE X 33 -33.07 21.77 20.52
CA ILE X 33 -33.22 23.23 20.16
C ILE X 33 -34.18 23.34 18.96
N LEU X 34 -33.97 22.49 17.95
CA LEU X 34 -34.76 22.44 16.70
C LEU X 34 -36.23 22.25 17.07
N LYS X 35 -36.50 21.32 17.99
CA LYS X 35 -37.87 20.85 18.35
C LYS X 35 -38.64 21.92 19.12
N LYS X 36 -38.01 23.03 19.53
CA LYS X 36 -38.69 24.20 20.16
C LYS X 36 -38.88 25.31 19.11
#